data_8UVC
#
_entry.id   8UVC
#
_cell.length_a   1.00
_cell.length_b   1.00
_cell.length_c   1.00
_cell.angle_alpha   90.00
_cell.angle_beta   90.00
_cell.angle_gamma   90.00
#
_symmetry.space_group_name_H-M   'P 1'
#
loop_
_entity.id
_entity.type
_entity.pdbx_description
1 polymer 'Na(+)/dicarboxylate cotransporter 3'
2 non-polymer 'SODIUM ION'
3 non-polymer '2-OXOGLUTARIC ACID'
4 non-polymer TETRADECANE
5 non-polymer 1,2-Distearoyl-sn-glycerophosphoethanolamine
6 non-polymer CHOLESTEROL
#
_entity_poly.entity_id   1
_entity_poly.type   'polypeptide(L)'
_entity_poly.pdbx_seq_one_letter_code
;MAALAAAAKKVWSARRLLVLLFTPLALLPVVFALPPKEGRCLFVILLMAVYWCTEALPLSVTALLPIVLFPFMGILPSNK
VCPQYFLDTNFLFLSGLIMASAIEEWNLHRRIALKILMLVGVQPARLILGMMVTTSFLSMWLSNTASTAMMLPIANAILK
SLFGQKEVRKDPSQESEENTAAVRRNGLHTVPTEMQFLASTEAKDHPGETEVPLDLPADSRKEDEYRRNIWKGFLISIPY
SASIGGTATLTGTAPNLILLGQLKSFFPQCDVVNFGSWFIFAFPLMLLFLLAGWLWISFLYGGLSFRGWRKNKSEIRTNA
EDRARAVIREEYQNLGPIKFAEQAVFILFCMFAILLFTRDPKFIPGWASLFNPGFLSDAVTGVAIVTILFFFPSQRPSLK
WWFDFKAPNTETEPLLTWKKAQETVPWNIILLLGGGFAMAKGCEESGLSVWIGGQLHPLENVPPALAVLLITVVIAFFTE
FASNTATIIIFLPVLAELAIRLRVHPLYLMIPGTVGCSFAFMLPVSTPPNSIAFASGHLLVKDMVRTGLLMNLMGVLLLS
LAMNTWAQTIFQLGTFPDWADMYSVNVTALPPTLANDTFRTLSGAGA
;
_entity_poly.pdbx_strand_id   A,B
#
# COMPACT_ATOMS: atom_id res chain seq x y z
N MET A 1 -0.64 45.30 24.58
CA MET A 1 -0.83 43.91 24.96
C MET A 1 -0.24 42.97 23.92
N ALA A 2 1.02 43.22 23.54
CA ALA A 2 1.70 42.36 22.57
C ALA A 2 1.96 40.98 23.12
N ALA A 3 1.93 40.81 24.45
CA ALA A 3 2.11 39.49 25.03
C ALA A 3 1.01 38.53 24.62
N LEU A 4 -0.22 39.02 24.54
CA LEU A 4 -1.33 38.18 24.09
C LEU A 4 -1.12 37.70 22.66
N ALA A 5 -0.70 38.60 21.77
CA ALA A 5 -0.44 38.20 20.39
C ALA A 5 0.71 37.22 20.30
N ALA A 6 1.77 37.45 21.09
CA ALA A 6 2.89 36.52 21.10
C ALA A 6 2.46 35.13 21.58
N ALA A 7 1.66 35.08 22.64
CA ALA A 7 1.17 33.80 23.14
C ALA A 7 0.28 33.11 22.13
N ALA A 8 -0.55 33.88 21.42
CA ALA A 8 -1.39 33.31 20.38
C ALA A 8 -0.54 32.71 19.26
N LYS A 9 0.53 33.41 18.88
CA LYS A 9 1.42 32.87 17.85
C LYS A 9 2.12 31.60 18.33
N LYS A 10 2.54 31.58 19.61
CA LYS A 10 3.14 30.37 20.16
C LYS A 10 2.17 29.20 20.13
N VAL A 11 0.91 29.45 20.50
CA VAL A 11 -0.10 28.40 20.50
C VAL A 11 -0.36 27.90 19.09
N TRP A 12 -0.46 28.81 18.12
CA TRP A 12 -0.73 28.42 16.74
C TRP A 12 0.44 27.62 16.16
N SER A 13 1.68 28.00 16.49
CA SER A 13 2.82 27.28 15.96
C SER A 13 2.85 25.83 16.44
N ALA A 14 2.43 25.57 17.67
CA ALA A 14 2.36 24.23 18.22
C ALA A 14 0.92 23.70 18.25
N ARG A 15 0.10 24.08 17.27
CA ARG A 15 -1.31 23.70 17.30
C ARG A 15 -1.50 22.19 17.14
N ARG A 16 -0.65 21.53 16.34
CA ARG A 16 -0.85 20.12 16.07
C ARG A 16 -0.71 19.28 17.34
N LEU A 17 0.37 19.49 18.10
CA LEU A 17 0.57 18.72 19.32
C LEU A 17 -0.50 19.03 20.36
N LEU A 18 -0.88 20.31 20.49
CA LEU A 18 -1.91 20.68 21.45
C LEU A 18 -3.23 20.00 21.14
N VAL A 19 -3.64 20.04 19.87
CA VAL A 19 -4.88 19.38 19.46
C VAL A 19 -4.78 17.89 19.71
N LEU A 20 -3.65 17.28 19.34
CA LEU A 20 -3.47 15.85 19.48
C LEU A 20 -3.58 15.43 20.94
N LEU A 21 -2.97 16.18 21.85
CA LEU A 21 -2.97 15.79 23.25
C LEU A 21 -4.30 16.09 23.92
N PHE A 22 -4.97 17.20 23.56
CA PHE A 22 -6.15 17.64 24.28
C PHE A 22 -7.46 17.14 23.68
N THR A 23 -7.47 16.62 22.46
CA THR A 23 -8.71 16.09 21.91
C THR A 23 -9.24 14.88 22.69
N PRO A 24 -8.43 13.87 23.04
CA PRO A 24 -8.98 12.77 23.85
C PRO A 24 -9.56 13.22 25.17
N LEU A 25 -8.92 14.18 25.84
CA LEU A 25 -9.45 14.66 27.12
C LEU A 25 -10.77 15.39 26.92
N ALA A 26 -10.89 16.17 25.84
CA ALA A 26 -12.16 16.85 25.58
C ALA A 26 -13.26 15.89 25.20
N LEU A 27 -12.93 14.79 24.52
CA LEU A 27 -13.91 13.81 24.08
C LEU A 27 -14.18 12.72 25.11
N LEU A 28 -13.43 12.71 26.21
CA LEU A 28 -13.64 11.72 27.26
C LEU A 28 -15.08 11.64 27.79
N PRO A 29 -15.80 12.75 28.01
CA PRO A 29 -17.18 12.61 28.53
C PRO A 29 -18.12 11.86 27.59
N VAL A 30 -17.77 11.73 26.30
CA VAL A 30 -18.60 10.96 25.38
C VAL A 30 -18.68 9.51 25.85
N VAL A 31 -17.55 8.95 26.31
CA VAL A 31 -17.54 7.57 26.78
C VAL A 31 -18.45 7.41 27.99
N PHE A 32 -18.41 8.36 28.93
CA PHE A 32 -19.22 8.25 30.14
C PHE A 32 -20.70 8.44 29.85
N ALA A 33 -21.03 9.34 28.93
CA ALA A 33 -22.45 9.65 28.69
C ALA A 33 -23.17 8.50 28.01
N LEU A 34 -22.57 7.92 26.98
CA LEU A 34 -23.19 6.88 26.18
C LEU A 34 -22.98 5.51 26.82
N PRO A 35 -23.71 4.50 26.36
CA PRO A 35 -23.40 3.12 26.77
C PRO A 35 -21.99 2.75 26.36
N PRO A 36 -21.37 1.77 27.05
CA PRO A 36 -19.92 1.57 26.92
C PRO A 36 -19.41 1.37 25.50
N LYS A 37 -19.93 0.36 24.80
CA LYS A 37 -19.42 0.07 23.46
C LYS A 37 -19.73 1.21 22.50
N GLU A 38 -20.96 1.69 22.50
CA GLU A 38 -21.33 2.80 21.63
C GLU A 38 -20.56 4.06 21.99
N GLY A 39 -20.38 4.32 23.29
CA GLY A 39 -19.62 5.49 23.71
C GLY A 39 -18.18 5.44 23.26
N ARG A 40 -17.55 4.28 23.39
CA ARG A 40 -16.15 4.15 22.96
C ARG A 40 -16.03 4.27 21.44
N CYS A 41 -16.97 3.68 20.70
CA CYS A 41 -16.95 3.82 19.24
C CYS A 41 -17.12 5.28 18.83
N LEU A 42 -18.05 5.99 19.47
CA LEU A 42 -18.26 7.40 19.16
C LEU A 42 -17.02 8.22 19.53
N PHE A 43 -16.37 7.88 20.64
CA PHE A 43 -15.13 8.54 21.00
C PHE A 43 -14.07 8.37 19.92
N VAL A 44 -13.92 7.15 19.41
CA VAL A 44 -12.96 6.90 18.34
C VAL A 44 -13.31 7.70 17.10
N ILE A 45 -14.59 7.70 16.72
CA ILE A 45 -15.00 8.39 15.50
C ILE A 45 -14.76 9.88 15.61
N LEU A 46 -15.14 10.47 16.76
CA LEU A 46 -14.95 11.91 16.95
C LEU A 46 -13.47 12.27 17.01
N LEU A 47 -12.66 11.43 17.66
CA LEU A 47 -11.22 11.67 17.70
C LEU A 47 -10.63 11.69 16.30
N MET A 48 -11.04 10.72 15.48
CA MET A 48 -10.51 10.65 14.12
C MET A 48 -11.00 11.83 13.29
N ALA A 49 -12.25 12.25 13.49
CA ALA A 49 -12.78 13.40 12.77
C ALA A 49 -11.99 14.67 13.12
N VAL A 50 -11.74 14.88 14.42
CA VAL A 50 -10.99 16.06 14.83
C VAL A 50 -9.56 16.02 14.30
N TYR A 51 -8.93 14.85 14.35
CA TYR A 51 -7.57 14.72 13.85
C TYR A 51 -7.50 14.99 12.35
N TRP A 52 -8.50 14.52 11.60
CA TRP A 52 -8.54 14.78 10.17
C TRP A 52 -8.76 16.26 9.88
N CYS A 53 -9.69 16.89 10.60
CA CYS A 53 -10.00 18.30 10.34
C CYS A 53 -8.83 19.21 10.70
N THR A 54 -8.19 18.96 11.84
CA THR A 54 -7.09 19.79 12.30
C THR A 54 -5.74 19.39 11.74
N GLU A 55 -5.66 18.26 11.03
CA GLU A 55 -4.41 17.77 10.46
C GLU A 55 -3.36 17.54 11.55
N ALA A 56 -3.81 17.13 12.74
CA ALA A 56 -2.88 16.85 13.83
C ALA A 56 -1.94 15.69 13.49
N LEU A 57 -2.41 14.75 12.68
CA LEU A 57 -1.63 13.64 12.16
C LEU A 57 -1.85 13.58 10.66
N PRO A 58 -0.95 12.92 9.93
CA PRO A 58 -1.21 12.66 8.52
C PRO A 58 -2.49 11.87 8.35
N LEU A 59 -3.20 12.12 7.25
CA LEU A 59 -4.50 11.51 7.03
C LEU A 59 -4.40 9.99 7.07
N SER A 60 -3.37 9.43 6.43
CA SER A 60 -3.18 7.98 6.47
C SER A 60 -2.90 7.49 7.89
N VAL A 61 -2.11 8.24 8.65
CA VAL A 61 -1.81 7.84 10.03
C VAL A 61 -3.06 7.87 10.89
N THR A 62 -3.87 8.92 10.74
CA THR A 62 -5.12 9.00 11.47
C THR A 62 -6.05 7.86 11.05
N ALA A 63 -6.02 7.48 9.78
CA ALA A 63 -6.84 6.37 9.32
C ALA A 63 -6.45 5.05 9.95
N LEU A 64 -5.24 4.96 10.52
CA LEU A 64 -4.81 3.74 11.20
C LEU A 64 -5.31 3.66 12.64
N LEU A 65 -5.99 4.70 13.13
CA LEU A 65 -6.45 4.71 14.51
C LEU A 65 -7.46 3.62 14.86
N PRO A 66 -8.36 3.18 13.98
CA PRO A 66 -9.23 2.05 14.36
C PRO A 66 -8.46 0.82 14.77
N ILE A 67 -7.33 0.55 14.10
CA ILE A 67 -6.51 -0.62 14.37
C ILE A 67 -6.09 -0.65 15.82
N VAL A 68 -5.75 0.51 16.38
CA VAL A 68 -5.37 0.57 17.78
C VAL A 68 -6.61 0.59 18.66
N LEU A 69 -7.54 1.51 18.40
CA LEU A 69 -8.58 1.82 19.37
C LEU A 69 -9.67 0.74 19.46
N PHE A 70 -10.12 0.18 18.34
CA PHE A 70 -11.18 -0.81 18.40
C PHE A 70 -10.78 -2.05 19.19
N PRO A 71 -9.59 -2.63 19.02
CA PRO A 71 -9.24 -3.81 19.84
C PRO A 71 -9.05 -3.51 21.31
N PHE A 72 -8.34 -2.42 21.67
CA PHE A 72 -8.19 -2.11 23.09
C PHE A 72 -9.53 -1.81 23.76
N MET A 73 -10.46 -1.19 23.04
CA MET A 73 -11.75 -0.85 23.60
C MET A 73 -12.77 -1.97 23.46
N GLY A 74 -12.40 -3.09 22.84
CA GLY A 74 -13.32 -4.21 22.70
C GLY A 74 -14.39 -4.02 21.65
N ILE A 75 -14.29 -2.98 20.82
CA ILE A 75 -15.29 -2.77 19.77
C ILE A 75 -15.15 -3.82 18.69
N LEU A 76 -13.92 -4.10 18.26
CA LEU A 76 -13.69 -5.03 17.16
C LEU A 76 -12.30 -5.65 17.29
N PRO A 77 -12.18 -6.97 17.17
CA PRO A 77 -10.85 -7.60 17.23
C PRO A 77 -10.02 -7.24 16.02
N SER A 78 -8.70 -7.40 16.18
CA SER A 78 -7.76 -7.00 15.13
C SER A 78 -8.00 -7.79 13.85
N ASN A 79 -8.25 -9.10 13.97
CA ASN A 79 -8.45 -9.95 12.80
C ASN A 79 -9.71 -9.59 12.03
N LYS A 80 -10.59 -8.78 12.61
CA LYS A 80 -11.77 -8.27 11.89
C LYS A 80 -11.56 -6.87 11.35
N VAL A 81 -10.99 -5.96 12.16
CA VAL A 81 -10.85 -4.57 11.71
C VAL A 81 -9.80 -4.45 10.62
N CYS A 82 -8.70 -5.21 10.72
CA CYS A 82 -7.62 -5.08 9.75
C CYS A 82 -8.06 -5.43 8.32
N PRO A 83 -8.74 -6.55 8.06
CA PRO A 83 -9.20 -6.79 6.69
C PRO A 83 -10.26 -5.82 6.19
N GLN A 84 -10.95 -5.05 6.98
CA GLN A 84 -11.79 -4.00 6.39
C GLN A 84 -10.95 -3.04 5.54
N TYR A 85 -9.64 -3.03 5.64
CA TYR A 85 -8.78 -2.04 4.97
C TYR A 85 -8.44 -2.42 3.52
N PHE A 86 -8.76 -3.63 3.13
CA PHE A 86 -8.58 -4.05 1.73
C PHE A 86 -9.84 -4.73 1.21
N LEU A 87 -11.00 -4.20 1.53
CA LEU A 87 -12.25 -4.54 0.80
C LEU A 87 -12.00 -4.25 -0.69
N ASP A 88 -12.77 -4.79 -1.65
CA ASP A 88 -12.61 -4.73 -3.10
C ASP A 88 -12.74 -3.29 -3.62
N THR A 89 -13.40 -2.42 -2.86
CA THR A 89 -13.45 -1.01 -3.25
C THR A 89 -12.05 -0.41 -3.31
N ASN A 90 -11.20 -0.75 -2.35
CA ASN A 90 -9.81 -0.31 -2.39
C ASN A 90 -9.06 -0.90 -3.58
N PHE A 91 -9.43 -2.09 -4.04
CA PHE A 91 -8.75 -2.60 -5.24
C PHE A 91 -9.24 -1.90 -6.50
N LEU A 92 -10.52 -1.53 -6.56
CA LEU A 92 -10.98 -0.69 -7.66
C LEU A 92 -10.23 0.64 -7.67
N PHE A 93 -10.05 1.23 -6.48
CA PHE A 93 -9.29 2.46 -6.37
C PHE A 93 -7.84 2.26 -6.82
N LEU A 94 -7.22 1.15 -6.40
CA LEU A 94 -5.84 0.90 -6.76
C LEU A 94 -5.67 0.67 -8.25
N SER A 95 -6.62 -0.05 -8.87
CA SER A 95 -6.58 -0.22 -10.31
C SER A 95 -6.73 1.11 -11.03
N GLY A 96 -7.63 1.97 -10.55
CA GLY A 96 -7.75 3.29 -11.14
C GLY A 96 -6.47 4.10 -11.01
N LEU A 97 -5.83 4.02 -9.84
CA LEU A 97 -4.57 4.75 -9.63
C LEU A 97 -3.47 4.21 -10.53
N ILE A 98 -3.40 2.88 -10.70
CA ILE A 98 -2.38 2.31 -11.57
C ILE A 98 -2.61 2.72 -13.01
N MET A 99 -3.87 2.73 -13.46
CA MET A 99 -4.17 3.17 -14.81
C MET A 99 -3.83 4.65 -14.99
N ALA A 100 -4.11 5.48 -13.97
CA ALA A 100 -3.74 6.88 -14.04
C ALA A 100 -2.23 7.06 -14.09
N SER A 101 -1.49 6.25 -13.33
CA SER A 101 -0.04 6.30 -13.38
C SER A 101 0.48 5.91 -14.76
N ALA A 102 -0.12 4.89 -15.37
CA ALA A 102 0.27 4.51 -16.72
C ALA A 102 -0.03 5.64 -17.71
N ILE A 103 -1.17 6.30 -17.55
CA ILE A 103 -1.54 7.40 -18.44
C ILE A 103 -0.55 8.55 -18.31
N GLU A 104 -0.20 8.91 -17.06
CA GLU A 104 0.71 10.03 -16.85
C GLU A 104 2.14 9.68 -17.22
N GLU A 105 2.49 8.40 -17.20
CA GLU A 105 3.85 7.99 -17.53
C GLU A 105 4.20 8.33 -18.98
N TRP A 106 3.24 8.16 -19.89
CA TRP A 106 3.47 8.38 -21.31
C TRP A 106 2.92 9.70 -21.79
N ASN A 107 2.56 10.60 -20.87
CA ASN A 107 2.05 11.94 -21.21
C ASN A 107 0.81 11.88 -22.08
N LEU A 108 0.01 10.83 -21.93
CA LEU A 108 -1.25 10.74 -22.65
C LEU A 108 -2.22 11.82 -22.18
N HIS A 109 -2.25 12.09 -20.89
CA HIS A 109 -3.13 13.12 -20.35
C HIS A 109 -2.80 14.50 -20.91
N ARG A 110 -1.51 14.81 -21.01
CA ARG A 110 -1.10 16.09 -21.60
C ARG A 110 -1.49 16.19 -23.06
N ARG A 111 -1.32 15.10 -23.82
CA ARG A 111 -1.71 15.10 -25.22
C ARG A 111 -3.21 15.34 -25.37
N ILE A 112 -4.01 14.65 -24.56
CA ILE A 112 -5.46 14.83 -24.62
C ILE A 112 -5.83 16.26 -24.24
N ALA A 113 -5.19 16.80 -23.19
CA ALA A 113 -5.48 18.15 -22.75
C ALA A 113 -5.18 19.17 -23.84
N LEU A 114 -4.02 19.07 -24.47
CA LEU A 114 -3.64 20.01 -25.50
C LEU A 114 -4.52 19.87 -26.73
N LYS A 115 -4.89 18.63 -27.08
CA LYS A 115 -5.80 18.44 -28.21
C LYS A 115 -7.15 19.08 -27.96
N ILE A 116 -7.70 18.89 -26.75
CA ILE A 116 -8.98 19.50 -26.43
C ILE A 116 -8.87 21.03 -26.45
N LEU A 117 -7.77 21.56 -25.90
CA LEU A 117 -7.58 23.01 -25.92
C LEU A 117 -7.50 23.54 -27.35
N MET A 118 -6.88 22.78 -28.26
CA MET A 118 -6.89 23.15 -29.66
C MET A 118 -8.30 23.13 -30.23
N LEU A 119 -9.08 22.09 -29.89
CA LEU A 119 -10.40 21.93 -30.49
C LEU A 119 -11.36 23.03 -30.05
N VAL A 120 -11.36 23.35 -28.75
CA VAL A 120 -12.38 24.27 -28.24
C VAL A 120 -12.20 25.68 -28.80
N GLY A 121 -10.97 26.18 -28.86
CA GLY A 121 -10.69 27.49 -29.41
C GLY A 121 -9.74 28.29 -28.54
N VAL A 122 -9.70 29.59 -28.82
CA VAL A 122 -8.72 30.48 -28.18
C VAL A 122 -9.45 31.72 -27.63
N GLN A 123 -10.71 31.89 -28.02
CA GLN A 123 -11.50 33.02 -27.53
C GLN A 123 -11.66 32.91 -26.02
N PRO A 124 -11.73 34.05 -25.31
CA PRO A 124 -11.67 34.00 -23.83
C PRO A 124 -12.73 33.13 -23.19
N ALA A 125 -14.01 33.36 -23.48
CA ALA A 125 -15.04 32.46 -22.92
C ALA A 125 -14.79 31.04 -23.39
N ARG A 126 -14.43 30.89 -24.67
CA ARG A 126 -14.19 29.55 -25.25
C ARG A 126 -13.00 28.95 -24.52
N LEU A 127 -12.04 29.75 -24.12
CA LEU A 127 -10.82 29.24 -23.46
C LEU A 127 -11.13 28.78 -22.03
N ILE A 128 -11.99 29.49 -21.32
CA ILE A 128 -12.38 29.02 -19.97
C ILE A 128 -13.19 27.73 -20.17
N LEU A 129 -14.04 27.68 -21.19
CA LEU A 129 -14.76 26.41 -21.42
C LEU A 129 -13.75 25.31 -21.67
N GLY A 130 -12.78 25.53 -22.53
CA GLY A 130 -11.79 24.50 -22.87
C GLY A 130 -11.12 24.03 -21.63
N MET A 131 -10.68 24.96 -20.81
CA MET A 131 -9.94 24.58 -19.59
C MET A 131 -10.83 23.74 -18.71
N MET A 132 -12.04 24.21 -18.43
CA MET A 132 -12.99 23.48 -17.56
C MET A 132 -13.25 22.09 -18.12
N VAL A 133 -13.49 21.95 -19.41
CA VAL A 133 -13.84 20.62 -19.99
C VAL A 133 -12.61 19.73 -19.87
N THR A 134 -11.43 20.21 -20.22
CA THR A 134 -10.20 19.42 -20.06
C THR A 134 -10.03 18.97 -18.60
N THR A 135 -10.10 19.87 -17.62
CA THR A 135 -9.78 19.49 -16.24
C THR A 135 -10.84 18.52 -15.74
N SER A 136 -12.08 18.70 -16.15
CA SER A 136 -13.18 17.84 -15.64
C SER A 136 -13.05 16.45 -16.24
N PHE A 137 -12.67 16.37 -17.51
CA PHE A 137 -12.43 15.07 -18.16
C PHE A 137 -11.21 14.42 -17.52
N LEU A 138 -10.11 15.14 -17.27
CA LEU A 138 -8.96 14.49 -16.71
C LEU A 138 -9.15 14.15 -15.23
N SER A 139 -10.01 14.89 -14.54
CA SER A 139 -10.33 14.55 -13.15
C SER A 139 -11.25 13.35 -13.04
N MET A 140 -11.91 12.97 -14.13
CA MET A 140 -12.76 11.78 -14.11
C MET A 140 -11.95 10.51 -13.93
N TRP A 141 -10.68 10.53 -14.33
CA TRP A 141 -9.81 9.37 -14.26
C TRP A 141 -8.56 9.60 -13.41
N LEU A 142 -7.96 10.78 -13.50
CA LEU A 142 -6.89 11.16 -12.60
C LEU A 142 -7.48 11.82 -11.36
N SER A 143 -6.65 11.98 -10.34
CA SER A 143 -7.10 12.66 -9.14
C SER A 143 -7.29 14.15 -9.42
N ASN A 144 -8.12 14.79 -8.59
CA ASN A 144 -8.34 16.23 -8.73
C ASN A 144 -7.03 17.00 -8.55
N THR A 145 -6.23 16.60 -7.56
CA THR A 145 -4.95 17.25 -7.33
C THR A 145 -4.04 17.14 -8.53
N ALA A 146 -3.93 15.93 -9.09
CA ALA A 146 -3.05 15.73 -10.25
C ALA A 146 -3.53 16.52 -11.46
N SER A 147 -4.84 16.51 -11.71
CA SER A 147 -5.39 17.24 -12.86
C SER A 147 -5.12 18.74 -12.72
N THR A 148 -5.39 19.30 -11.53
CA THR A 148 -5.15 20.71 -11.32
C THR A 148 -3.67 21.05 -11.44
N ALA A 149 -2.80 20.23 -10.85
CA ALA A 149 -1.37 20.52 -10.88
C ALA A 149 -0.80 20.39 -12.28
N MET A 150 -1.37 19.52 -13.11
CA MET A 150 -0.90 19.42 -14.48
C MET A 150 -1.45 20.54 -15.35
N MET A 151 -2.68 20.98 -15.08
CA MET A 151 -3.31 21.93 -16.00
C MET A 151 -2.97 23.38 -15.66
N LEU A 152 -2.54 23.65 -14.42
CA LEU A 152 -2.17 25.02 -14.06
C LEU A 152 -0.98 25.56 -14.86
N PRO A 153 0.13 24.83 -15.05
CA PRO A 153 1.22 25.40 -15.87
C PRO A 153 0.80 25.71 -17.30
N ILE A 154 -0.08 24.89 -17.88
CA ILE A 154 -0.56 25.17 -19.23
C ILE A 154 -1.36 26.47 -19.26
N ALA A 155 -2.22 26.68 -18.26
CA ALA A 155 -2.97 27.92 -18.17
C ALA A 155 -2.04 29.11 -17.98
N ASN A 156 -1.01 28.95 -17.15
CA ASN A 156 -0.05 30.03 -16.94
C ASN A 156 0.66 30.38 -18.24
N ALA A 157 1.10 29.38 -18.99
CA ALA A 157 1.78 29.63 -20.26
C ALA A 157 0.85 30.31 -21.25
N ILE A 158 -0.41 29.86 -21.33
CA ILE A 158 -1.35 30.47 -22.27
C ILE A 158 -1.62 31.92 -21.89
N LEU A 159 -1.79 32.19 -20.59
CA LEU A 159 -2.04 33.56 -20.15
C LEU A 159 -0.84 34.45 -20.41
N LYS A 160 0.38 33.95 -20.16
CA LYS A 160 1.57 34.75 -20.45
C LYS A 160 1.68 35.04 -21.94
N SER A 161 1.38 34.06 -22.79
CA SER A 161 1.41 34.30 -24.23
C SER A 161 0.35 35.31 -24.64
N LEU A 162 -0.82 35.24 -24.04
CA LEU A 162 -1.89 36.18 -24.36
C LEU A 162 -1.53 37.60 -23.95
N PHE A 163 -0.91 37.77 -22.79
CA PHE A 163 -0.65 39.09 -22.23
C PHE A 163 0.84 39.44 -22.18
N GLY A 164 1.68 38.75 -22.92
CA GLY A 164 3.10 39.04 -22.95
C GLY A 164 3.44 40.31 -23.70
N ASP A 219 -7.37 54.74 -19.82
CA ASP A 219 -7.94 53.48 -20.30
C ASP A 219 -7.04 52.30 -19.93
N SER A 220 -5.84 52.63 -19.44
CA SER A 220 -4.94 51.57 -18.98
C SER A 220 -5.50 50.83 -17.77
N ARG A 221 -6.18 51.54 -16.87
CA ARG A 221 -6.80 50.87 -15.73
C ARG A 221 -7.83 49.86 -16.18
N LYS A 222 -8.65 50.21 -17.17
CA LYS A 222 -9.62 49.26 -17.71
C LYS A 222 -8.94 48.02 -18.26
N GLU A 223 -7.93 48.19 -19.11
CA GLU A 223 -7.34 47.05 -19.79
C GLU A 223 -6.62 46.16 -18.79
N ASP A 224 -5.93 46.77 -17.82
CA ASP A 224 -5.28 46.01 -16.76
C ASP A 224 -6.30 45.28 -15.89
N GLU A 225 -7.43 45.92 -15.59
CA GLU A 225 -8.51 45.25 -14.88
C GLU A 225 -8.97 44.01 -15.62
N TYR A 226 -9.15 44.12 -16.94
CA TYR A 226 -9.61 42.99 -17.73
C TYR A 226 -8.57 41.87 -17.75
N ARG A 227 -7.29 42.24 -17.87
CA ARG A 227 -6.22 41.25 -17.81
C ARG A 227 -6.23 40.50 -16.50
N ARG A 228 -6.35 41.23 -15.39
CA ARG A 228 -6.29 40.60 -14.07
C ARG A 228 -7.51 39.72 -13.83
N ASN A 229 -8.68 40.16 -14.29
CA ASN A 229 -9.89 39.34 -14.17
C ASN A 229 -9.77 38.07 -15.00
N ILE A 230 -9.21 38.16 -16.20
CA ILE A 230 -9.00 36.97 -17.01
C ILE A 230 -8.05 36.00 -16.33
N TRP A 231 -6.96 36.53 -15.77
CA TRP A 231 -6.03 35.68 -15.02
C TRP A 231 -6.74 34.96 -13.89
N LYS A 232 -7.50 35.70 -13.07
CA LYS A 232 -8.18 35.09 -11.94
C LYS A 232 -9.20 34.04 -12.40
N GLY A 233 -9.92 34.34 -13.48
CA GLY A 233 -10.90 33.39 -13.97
C GLY A 233 -10.27 32.10 -14.45
N PHE A 234 -9.19 32.21 -15.21
CA PHE A 234 -8.50 31.00 -15.68
C PHE A 234 -7.97 30.20 -14.50
N LEU A 235 -7.40 30.87 -13.51
CA LEU A 235 -6.82 30.14 -12.38
C LEU A 235 -7.88 29.57 -11.44
N ILE A 236 -9.09 30.12 -11.42
CA ILE A 236 -10.14 29.59 -10.57
C ILE A 236 -11.01 28.54 -11.27
N SER A 237 -11.03 28.54 -12.61
CA SER A 237 -11.87 27.57 -13.32
C SER A 237 -11.28 26.17 -13.29
N ILE A 238 -9.99 26.03 -13.04
CA ILE A 238 -9.33 24.72 -13.08
C ILE A 238 -9.69 23.88 -11.86
N PRO A 239 -9.46 24.35 -10.61
CA PRO A 239 -9.78 23.48 -9.47
C PRO A 239 -11.27 23.20 -9.34
N TYR A 240 -12.11 24.18 -9.68
CA TYR A 240 -13.56 23.96 -9.61
C TYR A 240 -13.97 22.86 -10.58
N SER A 241 -13.47 22.92 -11.80
CA SER A 241 -13.79 21.90 -12.79
C SER A 241 -13.22 20.55 -12.41
N ALA A 242 -12.03 20.53 -11.80
CA ALA A 242 -11.47 19.27 -11.31
C ALA A 242 -12.35 18.64 -10.25
N SER A 243 -12.80 19.46 -9.29
CA SER A 243 -13.69 18.95 -8.24
C SER A 243 -15.01 18.47 -8.82
N ILE A 244 -15.55 19.20 -9.80
CA ILE A 244 -16.82 18.81 -10.41
C ILE A 244 -16.66 17.50 -11.17
N GLY A 245 -15.59 17.37 -11.96
CA GLY A 245 -15.38 16.18 -12.76
C GLY A 245 -14.98 14.96 -11.96
N GLY A 246 -14.43 15.14 -10.77
CA GLY A 246 -14.11 14.01 -9.93
C GLY A 246 -15.33 13.22 -9.47
N THR A 247 -16.50 13.85 -9.47
CA THR A 247 -17.72 13.19 -9.02
C THR A 247 -18.39 12.36 -10.11
N ALA A 248 -17.97 12.51 -11.38
CA ALA A 248 -18.66 11.84 -12.47
C ALA A 248 -18.46 10.32 -12.44
N THR A 249 -17.32 9.86 -11.93
CA THR A 249 -17.00 8.44 -11.90
C THR A 249 -16.67 8.02 -10.48
N LEU A 250 -16.84 6.72 -10.21
CA LEU A 250 -16.50 6.20 -8.89
C LEU A 250 -15.02 6.35 -8.59
N THR A 251 -14.17 6.08 -9.57
CA THR A 251 -12.72 6.22 -9.40
C THR A 251 -12.25 7.67 -9.57
N GLY A 252 -13.15 8.58 -9.94
CA GLY A 252 -12.75 9.97 -10.11
C GLY A 252 -12.24 10.61 -8.83
N THR A 253 -12.90 10.30 -7.71
CA THR A 253 -12.50 10.89 -6.44
C THR A 253 -12.74 9.88 -5.32
N ALA A 254 -11.98 10.04 -4.24
CA ALA A 254 -12.07 9.11 -3.12
C ALA A 254 -13.45 9.04 -2.45
N PRO A 255 -14.17 10.15 -2.23
CA PRO A 255 -15.46 10.03 -1.52
C PRO A 255 -16.46 9.08 -2.17
N ASN A 256 -16.46 8.96 -3.50
CA ASN A 256 -17.35 7.99 -4.14
C ASN A 256 -17.02 6.57 -3.69
N LEU A 257 -15.72 6.25 -3.61
CA LEU A 257 -15.32 4.95 -3.13
C LEU A 257 -15.58 4.79 -1.63
N ILE A 258 -15.53 5.89 -0.87
CA ILE A 258 -15.95 5.83 0.52
C ILE A 258 -17.41 5.41 0.63
N LEU A 259 -18.26 6.02 -0.19
CA LEU A 259 -19.67 5.65 -0.19
C LEU A 259 -19.83 4.18 -0.57
N LEU A 260 -19.13 3.75 -1.62
CA LEU A 260 -19.24 2.36 -2.08
C LEU A 260 -18.81 1.38 -1.00
N GLY A 261 -17.69 1.67 -0.32
CA GLY A 261 -17.20 0.76 0.69
C GLY A 261 -18.03 0.75 1.96
N GLN A 262 -18.49 1.92 2.39
CA GLN A 262 -19.31 1.99 3.61
C GLN A 262 -20.70 1.43 3.38
N LEU A 263 -21.18 1.42 2.14
CA LEU A 263 -22.44 0.74 1.85
C LEU A 263 -22.35 -0.75 2.18
N LYS A 264 -21.19 -1.36 1.89
CA LYS A 264 -21.01 -2.77 2.18
C LYS A 264 -21.11 -3.06 3.67
N SER A 265 -20.71 -2.11 4.52
CA SER A 265 -20.79 -2.32 5.95
C SER A 265 -22.20 -2.02 6.48
N PHE A 266 -22.77 -0.89 6.08
CA PHE A 266 -24.09 -0.52 6.58
C PHE A 266 -25.19 -1.38 5.95
N PHE A 267 -25.11 -1.60 4.64
CA PHE A 267 -26.13 -2.36 3.90
C PHE A 267 -25.41 -3.39 3.03
N PRO A 268 -25.00 -4.52 3.60
CA PRO A 268 -24.22 -5.49 2.82
C PRO A 268 -24.97 -6.04 1.61
N GLN A 269 -26.29 -6.10 1.67
CA GLN A 269 -27.08 -6.68 0.59
C GLN A 269 -27.35 -5.69 -0.55
N CYS A 270 -26.95 -4.43 -0.40
CA CYS A 270 -27.13 -3.45 -1.46
C CYS A 270 -26.05 -3.63 -2.53
N ASP A 271 -26.47 -3.69 -3.79
CA ASP A 271 -25.53 -3.85 -4.90
C ASP A 271 -25.88 -2.99 -6.11
N VAL A 272 -26.81 -2.05 -5.98
CA VAL A 272 -27.25 -1.28 -7.15
C VAL A 272 -26.27 -0.18 -7.53
N VAL A 273 -25.35 0.20 -6.65
CA VAL A 273 -24.35 1.22 -6.94
C VAL A 273 -23.10 0.53 -7.48
N ASN A 274 -22.79 0.80 -8.75
CA ASN A 274 -21.56 0.31 -9.36
C ASN A 274 -21.04 1.41 -10.28
N PHE A 275 -20.05 1.07 -11.11
CA PHE A 275 -19.45 2.06 -11.99
C PHE A 275 -20.47 2.59 -13.01
N GLY A 276 -21.20 1.68 -13.65
CA GLY A 276 -22.12 2.11 -14.70
C GLY A 276 -23.28 2.95 -14.17
N SER A 277 -23.90 2.50 -13.09
CA SER A 277 -25.03 3.24 -12.53
C SER A 277 -24.59 4.59 -12.00
N TRP A 278 -23.46 4.63 -11.29
CA TRP A 278 -22.96 5.91 -10.79
C TRP A 278 -22.62 6.85 -11.93
N PHE A 279 -22.04 6.32 -13.01
CA PHE A 279 -21.71 7.16 -14.14
C PHE A 279 -22.97 7.73 -14.79
N ILE A 280 -23.95 6.87 -15.09
CA ILE A 280 -25.17 7.36 -15.73
C ILE A 280 -25.94 8.30 -14.82
N PHE A 281 -25.71 8.24 -13.51
CA PHE A 281 -26.35 9.21 -12.63
C PHE A 281 -25.59 10.54 -12.61
N ALA A 282 -24.27 10.48 -12.46
CA ALA A 282 -23.48 11.67 -12.15
C ALA A 282 -23.00 12.43 -13.37
N PHE A 283 -22.75 11.75 -14.49
CA PHE A 283 -22.21 12.44 -15.66
C PHE A 283 -23.13 13.53 -16.19
N PRO A 284 -24.45 13.32 -16.36
CA PRO A 284 -25.32 14.45 -16.72
C PRO A 284 -25.32 15.55 -15.66
N LEU A 285 -25.32 15.17 -14.38
CA LEU A 285 -25.24 16.16 -13.32
C LEU A 285 -23.91 16.90 -13.37
N MET A 286 -22.82 16.18 -13.62
CA MET A 286 -21.51 16.82 -13.75
C MET A 286 -21.49 17.79 -14.90
N LEU A 287 -22.08 17.41 -16.04
CA LEU A 287 -22.11 18.29 -17.20
C LEU A 287 -22.93 19.54 -16.92
N LEU A 288 -24.09 19.39 -16.27
CA LEU A 288 -24.92 20.55 -15.94
C LEU A 288 -24.19 21.48 -14.98
N PHE A 289 -23.55 20.92 -13.96
CA PHE A 289 -22.83 21.75 -13.00
C PHE A 289 -21.62 22.43 -13.65
N LEU A 290 -20.94 21.73 -14.55
CA LEU A 290 -19.82 22.34 -15.27
C LEU A 290 -20.28 23.48 -16.15
N LEU A 291 -21.41 23.30 -16.85
CA LEU A 291 -21.95 24.39 -17.66
C LEU A 291 -22.34 25.58 -16.82
N ALA A 292 -23.01 25.34 -15.68
CA ALA A 292 -23.39 26.44 -14.80
C ALA A 292 -22.17 27.17 -14.25
N GLY A 293 -21.15 26.40 -13.84
CA GLY A 293 -19.93 27.02 -13.34
C GLY A 293 -19.20 27.80 -14.41
N TRP A 294 -19.17 27.29 -15.64
CA TRP A 294 -18.53 28.02 -16.73
C TRP A 294 -19.24 29.33 -17.01
N LEU A 295 -20.58 29.30 -17.04
CA LEU A 295 -21.32 30.54 -17.24
C LEU A 295 -21.06 31.52 -16.11
N TRP A 296 -21.06 31.03 -14.87
CA TRP A 296 -20.86 31.91 -13.72
C TRP A 296 -19.48 32.54 -13.74
N ILE A 297 -18.45 31.75 -14.05
CA ILE A 297 -17.08 32.26 -14.07
C ILE A 297 -16.89 33.23 -15.23
N SER A 298 -17.44 32.89 -16.41
CA SER A 298 -17.31 33.76 -17.57
C SER A 298 -18.00 35.10 -17.34
N PHE A 299 -19.19 35.08 -16.73
CA PHE A 299 -19.87 36.33 -16.40
C PHE A 299 -19.09 37.12 -15.36
N LEU A 300 -18.56 36.44 -14.34
CA LEU A 300 -17.95 37.15 -13.23
C LEU A 300 -16.59 37.75 -13.59
N TYR A 301 -15.77 37.00 -14.31
CA TYR A 301 -14.39 37.38 -14.66
C TYR A 301 -14.14 37.50 -16.15
N GLY A 302 -14.70 36.63 -16.97
CA GLY A 302 -14.41 36.57 -18.39
C GLY A 302 -15.02 37.65 -19.26
N GLY A 303 -15.76 38.59 -18.69
CA GLY A 303 -16.36 39.64 -19.48
C GLY A 303 -17.53 39.20 -20.33
N LEU A 304 -18.18 38.09 -19.97
CA LEU A 304 -19.33 37.60 -20.74
C LEU A 304 -20.51 38.53 -20.61
N ASN A 319 -4.03 40.06 -31.76
CA ASN A 319 -2.90 39.18 -32.03
C ASN A 319 -2.60 38.29 -30.84
N ALA A 320 -3.29 38.54 -29.72
CA ALA A 320 -3.11 37.71 -28.53
C ALA A 320 -3.62 36.30 -28.78
N GLU A 321 -4.74 36.16 -29.49
CA GLU A 321 -5.28 34.84 -29.80
C GLU A 321 -4.29 34.03 -30.63
N ASP A 322 -3.64 34.67 -31.60
CA ASP A 322 -2.63 33.98 -32.41
C ASP A 322 -1.47 33.51 -31.54
N ARG A 323 -1.03 34.35 -30.60
CA ARG A 323 0.06 33.97 -29.72
C ARG A 323 -0.32 32.78 -28.84
N ALA A 324 -1.54 32.78 -28.30
CA ALA A 324 -1.98 31.66 -27.48
C ALA A 324 -2.10 30.38 -28.31
N ARG A 325 -2.60 30.50 -29.53
CA ARG A 325 -2.65 29.34 -30.41
C ARG A 325 -1.25 28.82 -30.71
N ALA A 326 -0.30 29.74 -30.91
CA ALA A 326 1.08 29.34 -31.18
C ALA A 326 1.70 28.62 -29.99
N VAL A 327 1.47 29.10 -28.77
CA VAL A 327 2.05 28.43 -27.62
C VAL A 327 1.39 27.07 -27.40
N ILE A 328 0.08 26.96 -27.68
CA ILE A 328 -0.60 25.67 -27.56
C ILE A 328 -0.04 24.67 -28.57
N ARG A 329 0.19 25.12 -29.80
CA ARG A 329 0.75 24.20 -30.80
C ARG A 329 2.21 23.88 -30.49
N GLU A 330 2.95 24.82 -29.90
CA GLU A 330 4.28 24.49 -29.39
C GLU A 330 4.23 23.36 -28.38
N GLU A 331 3.34 23.48 -27.38
CA GLU A 331 3.31 22.47 -26.34
C GLU A 331 2.75 21.14 -26.82
N TYR A 332 1.89 21.15 -27.85
CA TYR A 332 1.45 19.89 -28.44
C TYR A 332 2.56 19.25 -29.27
N GLN A 333 3.29 20.04 -30.06
CA GLN A 333 4.36 19.49 -30.87
C GLN A 333 5.53 19.00 -30.02
N ASN A 334 5.76 19.60 -28.87
CA ASN A 334 6.85 19.17 -28.00
C ASN A 334 6.64 17.76 -27.47
N LEU A 335 5.42 17.25 -27.52
CA LEU A 335 5.17 15.86 -27.13
C LEU A 335 5.70 14.87 -28.16
N GLY A 336 5.95 15.32 -29.39
CA GLY A 336 6.39 14.44 -30.44
C GLY A 336 5.24 13.66 -31.04
N PRO A 337 5.55 12.76 -31.98
CA PRO A 337 4.50 11.92 -32.56
C PRO A 337 3.96 10.94 -31.54
N ILE A 338 2.74 10.46 -31.80
CA ILE A 338 2.09 9.52 -30.90
C ILE A 338 2.89 8.22 -30.87
N LYS A 339 3.38 7.86 -29.70
CA LYS A 339 4.15 6.63 -29.55
C LYS A 339 3.22 5.42 -29.57
N PHE A 340 3.82 4.25 -29.84
CA PHE A 340 3.07 3.01 -29.74
C PHE A 340 2.60 2.77 -28.31
N ALA A 341 3.43 3.13 -27.33
CA ALA A 341 3.04 2.97 -25.93
C ALA A 341 1.83 3.84 -25.60
N GLU A 342 1.79 5.06 -26.13
CA GLU A 342 0.64 5.92 -25.89
C GLU A 342 -0.64 5.32 -26.46
N GLN A 343 -0.56 4.78 -27.69
CA GLN A 343 -1.73 4.15 -28.29
C GLN A 343 -2.18 2.93 -27.49
N ALA A 344 -1.23 2.11 -27.05
CA ALA A 344 -1.58 0.93 -26.25
C ALA A 344 -2.22 1.33 -24.94
N VAL A 345 -1.68 2.36 -24.27
CA VAL A 345 -2.24 2.80 -23.01
C VAL A 345 -3.65 3.37 -23.22
N PHE A 346 -3.84 4.13 -24.30
CA PHE A 346 -5.17 4.68 -24.58
C PHE A 346 -6.18 3.57 -24.85
N ILE A 347 -5.78 2.56 -25.62
CA ILE A 347 -6.69 1.45 -25.92
C ILE A 347 -7.03 0.68 -24.65
N LEU A 348 -6.01 0.45 -23.79
CA LEU A 348 -6.27 -0.23 -22.52
C LEU A 348 -7.17 0.59 -21.62
N PHE A 349 -7.01 1.92 -21.63
CA PHE A 349 -7.88 2.78 -20.84
C PHE A 349 -9.32 2.75 -21.35
N CYS A 350 -9.49 2.74 -22.67
CA CYS A 350 -10.83 2.63 -23.24
C CYS A 350 -11.47 1.30 -22.87
N MET A 351 -10.70 0.21 -22.94
CA MET A 351 -11.22 -1.09 -22.52
C MET A 351 -11.57 -1.07 -21.03
N PHE A 352 -10.73 -0.44 -20.22
CA PHE A 352 -10.98 -0.30 -18.78
C PHE A 352 -12.33 0.37 -18.54
N ALA A 353 -12.55 1.53 -19.16
CA ALA A 353 -13.79 2.27 -18.96
C ALA A 353 -14.99 1.49 -19.47
N ILE A 354 -14.88 0.90 -20.67
CA ILE A 354 -16.02 0.22 -21.27
C ILE A 354 -16.38 -1.02 -20.45
N LEU A 355 -15.40 -1.80 -20.02
CA LEU A 355 -15.68 -3.01 -19.27
C LEU A 355 -16.19 -2.69 -17.87
N LEU A 356 -15.72 -1.59 -17.26
CA LEU A 356 -16.30 -1.17 -15.99
C LEU A 356 -17.75 -0.75 -16.17
N PHE A 357 -18.05 -0.04 -17.26
CA PHE A 357 -19.40 0.46 -17.47
C PHE A 357 -20.37 -0.67 -17.78
N THR A 358 -19.94 -1.65 -18.57
CA THR A 358 -20.84 -2.67 -19.11
C THR A 358 -20.87 -3.94 -18.28
N ARG A 359 -20.24 -3.97 -17.10
CA ARG A 359 -20.27 -5.17 -16.28
C ARG A 359 -21.69 -5.46 -15.80
N ASP A 360 -22.37 -4.45 -15.26
CA ASP A 360 -23.73 -4.59 -14.78
C ASP A 360 -24.40 -3.23 -14.70
N PRO A 361 -24.70 -2.60 -15.85
CA PRO A 361 -25.24 -1.24 -15.82
C PRO A 361 -26.66 -1.14 -15.29
N LYS A 362 -27.34 -2.26 -15.09
CA LYS A 362 -28.65 -2.39 -14.44
C LYS A 362 -29.82 -1.93 -15.31
N PHE A 363 -29.58 -1.38 -16.50
CA PHE A 363 -30.67 -1.11 -17.43
C PHE A 363 -30.61 -2.01 -18.67
N ILE A 364 -29.43 -2.51 -18.99
CA ILE A 364 -29.26 -3.55 -20.01
C ILE A 364 -28.41 -4.65 -19.39
N PRO A 365 -28.58 -5.91 -19.82
CA PRO A 365 -27.74 -6.98 -19.25
C PRO A 365 -26.27 -6.76 -19.54
N GLY A 366 -25.44 -7.08 -18.55
CA GLY A 366 -24.01 -6.96 -18.65
C GLY A 366 -23.31 -8.29 -18.84
N TRP A 367 -22.00 -8.21 -19.06
CA TRP A 367 -21.21 -9.42 -19.26
C TRP A 367 -20.97 -10.18 -17.96
N ALA A 368 -21.30 -9.59 -16.81
CA ALA A 368 -21.21 -10.33 -15.55
C ALA A 368 -22.29 -11.40 -15.45
N SER A 369 -23.36 -11.30 -16.23
CA SER A 369 -24.40 -12.32 -16.26
C SER A 369 -23.91 -13.63 -16.84
N LEU A 370 -22.76 -13.63 -17.52
CA LEU A 370 -22.19 -14.84 -18.10
C LEU A 370 -21.37 -15.65 -17.10
N PHE A 371 -21.24 -15.17 -15.86
CA PHE A 371 -20.45 -15.87 -14.86
C PHE A 371 -21.28 -16.13 -13.60
N ASN A 372 -20.62 -16.57 -12.53
CA ASN A 372 -21.34 -16.87 -11.30
C ASN A 372 -21.85 -15.57 -10.66
N PRO A 373 -23.14 -15.48 -10.36
CA PRO A 373 -23.65 -14.27 -9.71
C PRO A 373 -23.01 -14.06 -8.34
N GLY A 374 -22.76 -12.80 -8.01
CA GLY A 374 -22.22 -12.44 -6.72
C GLY A 374 -20.73 -12.64 -6.56
N PHE A 375 -20.03 -13.06 -7.62
CA PHE A 375 -18.59 -13.29 -7.55
C PHE A 375 -17.77 -12.15 -8.16
N LEU A 376 -18.20 -11.62 -9.29
CA LEU A 376 -17.45 -10.56 -9.95
C LEU A 376 -17.81 -9.20 -9.37
N SER A 377 -16.94 -8.22 -9.65
CA SER A 377 -17.14 -6.85 -9.19
C SER A 377 -16.30 -5.94 -10.06
N ASP A 378 -16.41 -4.63 -9.81
CA ASP A 378 -15.60 -3.67 -10.55
C ASP A 378 -14.12 -3.82 -10.23
N ALA A 379 -13.80 -4.24 -9.00
CA ALA A 379 -12.42 -4.42 -8.62
C ALA A 379 -11.73 -5.50 -9.45
N VAL A 380 -12.43 -6.61 -9.69
CA VAL A 380 -11.85 -7.70 -10.45
C VAL A 380 -11.55 -7.25 -11.88
N THR A 381 -12.50 -6.56 -12.49
CA THR A 381 -12.30 -6.05 -13.85
C THR A 381 -11.14 -5.07 -13.90
N GLY A 382 -11.08 -4.16 -12.92
CA GLY A 382 -10.00 -3.18 -12.91
C GLY A 382 -8.64 -3.82 -12.76
N VAL A 383 -8.52 -4.76 -11.82
CA VAL A 383 -7.24 -5.44 -11.60
C VAL A 383 -6.84 -6.24 -12.83
N ALA A 384 -7.80 -6.95 -13.44
CA ALA A 384 -7.49 -7.72 -14.64
C ALA A 384 -7.02 -6.83 -15.77
N ILE A 385 -7.65 -5.67 -15.94
CA ILE A 385 -7.24 -4.77 -17.02
C ILE A 385 -5.88 -4.15 -16.75
N VAL A 386 -5.65 -3.69 -15.52
CA VAL A 386 -4.36 -3.04 -15.23
C VAL A 386 -3.22 -4.04 -15.15
N THR A 387 -3.51 -5.34 -15.02
CA THR A 387 -2.46 -6.34 -15.07
C THR A 387 -1.76 -6.34 -16.43
N ILE A 388 -2.50 -6.02 -17.50
CA ILE A 388 -1.94 -6.02 -18.84
C ILE A 388 -0.84 -4.96 -18.97
N LEU A 389 -0.97 -3.85 -18.24
CA LEU A 389 0.02 -2.78 -18.32
C LEU A 389 1.41 -3.23 -17.89
N PHE A 390 1.51 -4.25 -17.06
CA PHE A 390 2.79 -4.67 -16.49
C PHE A 390 3.53 -5.68 -17.34
N PHE A 391 2.95 -6.16 -18.43
CA PHE A 391 3.68 -7.04 -19.35
C PHE A 391 3.55 -6.65 -20.81
N PHE A 392 2.60 -5.81 -21.18
CA PHE A 392 2.47 -5.42 -22.58
C PHE A 392 3.67 -4.56 -22.98
N PRO A 393 4.33 -4.87 -24.10
CA PRO A 393 5.52 -4.10 -24.49
C PRO A 393 5.19 -2.65 -24.81
N SER A 394 6.12 -1.76 -24.47
CA SER A 394 5.97 -0.35 -24.77
C SER A 394 6.47 0.01 -26.16
N GLN A 395 7.13 -0.92 -26.86
CA GLN A 395 7.59 -0.71 -28.21
C GLN A 395 6.80 -1.61 -29.16
N ARG A 396 6.69 -1.17 -30.40
CA ARG A 396 5.89 -1.90 -31.39
C ARG A 396 6.53 -3.25 -31.68
N PRO A 397 5.84 -4.36 -31.46
CA PRO A 397 6.40 -5.68 -31.78
C PRO A 397 6.40 -5.92 -33.29
N SER A 398 7.32 -6.80 -33.71
CA SER A 398 7.45 -7.15 -35.11
C SER A 398 7.90 -8.59 -35.22
N LEU A 399 7.28 -9.31 -36.17
CA LEU A 399 7.65 -10.70 -36.40
C LEU A 399 8.98 -10.86 -37.10
N LYS A 400 9.47 -9.79 -37.77
CA LYS A 400 10.76 -9.87 -38.44
C LYS A 400 11.91 -9.99 -37.46
N TRP A 401 11.69 -9.60 -36.20
CA TRP A 401 12.76 -9.66 -35.20
C TRP A 401 13.21 -11.11 -34.96
N TRP A 402 12.27 -12.05 -34.93
CA TRP A 402 12.63 -13.45 -34.81
C TRP A 402 13.45 -13.91 -36.01
N PHE A 403 13.06 -13.51 -37.22
CA PHE A 403 13.76 -13.93 -38.42
C PHE A 403 15.13 -13.27 -38.53
N ASP A 404 15.26 -12.03 -38.07
CA ASP A 404 16.53 -11.31 -38.18
C ASP A 404 17.41 -11.66 -36.99
N PHE A 405 18.44 -12.46 -37.24
CA PHE A 405 19.34 -12.89 -36.18
C PHE A 405 20.35 -11.82 -35.78
N LYS A 406 20.50 -10.77 -36.58
CA LYS A 406 21.48 -9.73 -36.30
C LYS A 406 20.91 -8.58 -35.47
N ALA A 407 19.61 -8.61 -35.18
CA ALA A 407 19.02 -7.55 -34.37
C ALA A 407 19.47 -7.69 -32.91
N PRO A 408 19.58 -6.57 -32.20
CA PRO A 408 19.92 -6.63 -30.77
C PRO A 408 18.81 -7.32 -29.98
N ASN A 409 19.21 -7.98 -28.90
CA ASN A 409 18.30 -8.77 -28.08
C ASN A 409 18.07 -8.14 -26.71
N THR A 410 18.01 -6.81 -26.67
CA THR A 410 17.69 -6.12 -25.43
C THR A 410 16.23 -6.37 -25.06
N GLU A 411 16.00 -6.63 -23.77
CA GLU A 411 14.65 -6.93 -23.30
C GLU A 411 13.77 -5.69 -23.40
N THR A 412 12.53 -5.91 -23.83
CA THR A 412 11.61 -4.80 -24.04
C THR A 412 11.12 -4.23 -22.71
N GLU A 413 10.78 -2.95 -22.73
CA GLU A 413 10.21 -2.25 -21.59
C GLU A 413 8.70 -2.39 -21.59
N PRO A 414 8.09 -2.82 -20.49
CA PRO A 414 6.63 -2.89 -20.43
C PRO A 414 6.02 -1.49 -20.39
N LEU A 415 4.70 -1.45 -20.61
CA LEU A 415 3.99 -0.18 -20.57
C LEU A 415 4.13 0.48 -19.21
N LEU A 416 4.16 -0.31 -18.15
CA LEU A 416 4.33 0.23 -16.80
C LEU A 416 5.10 -0.77 -15.96
N THR A 417 6.23 -0.34 -15.43
CA THR A 417 6.95 -1.15 -14.45
C THR A 417 6.38 -0.91 -13.06
N TRP A 418 6.57 -1.89 -12.18
CA TRP A 418 6.03 -1.75 -10.83
C TRP A 418 6.76 -0.67 -10.05
N LYS A 419 8.00 -0.35 -10.40
CA LYS A 419 8.72 0.70 -9.71
C LYS A 419 8.02 2.05 -9.89
N LYS A 420 7.72 2.41 -11.14
CA LYS A 420 7.04 3.66 -11.42
C LYS A 420 5.64 3.68 -10.80
N ALA A 421 4.91 2.58 -10.91
CA ALA A 421 3.57 2.52 -10.33
C ALA A 421 3.62 2.71 -8.82
N GLN A 422 4.54 2.02 -8.15
CA GLN A 422 4.65 2.14 -6.71
C GLN A 422 5.03 3.55 -6.30
N GLU A 423 5.95 4.18 -7.05
CA GLU A 423 6.34 5.54 -6.71
C GLU A 423 5.31 6.57 -7.13
N THR A 424 4.27 6.19 -7.88
CA THR A 424 3.23 7.12 -8.28
C THR A 424 1.87 6.88 -7.61
N VAL A 425 1.62 5.69 -7.09
CA VAL A 425 0.33 5.40 -6.45
C VAL A 425 0.30 6.08 -5.08
N PRO A 426 -0.75 6.86 -4.77
CA PRO A 426 -0.88 7.45 -3.44
C PRO A 426 -1.40 6.46 -2.41
N TRP A 427 -0.49 5.69 -1.81
CA TRP A 427 -0.90 4.70 -0.81
C TRP A 427 -1.56 5.34 0.40
N ASN A 428 -1.28 6.62 0.65
CA ASN A 428 -1.92 7.32 1.76
C ASN A 428 -3.43 7.37 1.57
N ILE A 429 -3.89 7.63 0.35
CA ILE A 429 -5.34 7.68 0.11
C ILE A 429 -5.95 6.30 0.24
N ILE A 430 -5.22 5.25 -0.17
CA ILE A 430 -5.72 3.89 0.01
C ILE A 430 -5.91 3.58 1.49
N LEU A 431 -4.92 3.95 2.32
CA LEU A 431 -5.05 3.74 3.76
C LEU A 431 -6.16 4.60 4.34
N LEU A 432 -6.37 5.80 3.81
CA LEU A 432 -7.47 6.65 4.28
C LEU A 432 -8.82 6.02 3.99
N LEU A 433 -9.00 5.49 2.78
CA LEU A 433 -10.24 4.81 2.44
C LEU A 433 -10.43 3.59 3.34
N GLY A 434 -9.35 2.86 3.61
CA GLY A 434 -9.44 1.72 4.50
C GLY A 434 -9.83 2.10 5.91
N GLY A 435 -9.28 3.20 6.41
CA GLY A 435 -9.68 3.68 7.72
C GLY A 435 -11.16 4.06 7.75
N GLY A 436 -11.65 4.66 6.68
CA GLY A 436 -13.06 4.96 6.59
C GLY A 436 -13.92 3.70 6.63
N PHE A 437 -13.52 2.68 5.86
CA PHE A 437 -14.28 1.42 5.85
C PHE A 437 -14.25 0.76 7.23
N ALA A 438 -13.09 0.75 7.89
CA ALA A 438 -12.98 0.15 9.20
C ALA A 438 -13.82 0.90 10.23
N MET A 439 -13.84 2.24 10.14
CA MET A 439 -14.71 3.00 11.03
C MET A 439 -16.18 2.71 10.79
N ALA A 440 -16.58 2.55 9.52
CA ALA A 440 -17.96 2.16 9.24
C ALA A 440 -18.29 0.80 9.85
N LYS A 441 -17.37 -0.16 9.71
CA LYS A 441 -17.59 -1.48 10.29
C LYS A 441 -17.68 -1.41 11.81
N GLY A 442 -16.82 -0.62 12.44
CA GLY A 442 -16.88 -0.48 13.88
C GLY A 442 -18.15 0.18 14.35
N CYS A 443 -18.61 1.19 13.61
CA CYS A 443 -19.88 1.85 13.95
C CYS A 443 -21.04 0.88 13.84
N GLU A 444 -21.03 0.04 12.80
CA GLU A 444 -22.11 -0.93 12.64
C GLU A 444 -22.08 -2.01 13.72
N GLU A 445 -20.89 -2.55 14.01
CA GLU A 445 -20.80 -3.67 14.93
C GLU A 445 -21.01 -3.26 16.39
N SER A 446 -20.50 -2.09 16.77
CA SER A 446 -20.60 -1.66 18.17
C SER A 446 -22.01 -1.25 18.57
N GLY A 447 -22.93 -1.15 17.61
CA GLY A 447 -24.26 -0.66 17.91
C GLY A 447 -24.39 0.84 17.94
N LEU A 448 -23.34 1.57 17.57
CA LEU A 448 -23.42 3.03 17.54
C LEU A 448 -24.42 3.53 16.51
N SER A 449 -24.59 2.79 15.41
CA SER A 449 -25.58 3.19 14.41
C SER A 449 -26.99 3.17 14.98
N VAL A 450 -27.32 2.14 15.76
CA VAL A 450 -28.65 2.07 16.36
C VAL A 450 -28.87 3.23 17.32
N TRP A 451 -27.85 3.55 18.13
CA TRP A 451 -27.96 4.69 19.04
C TRP A 451 -28.13 5.99 18.29
N ILE A 452 -27.38 6.18 17.20
CA ILE A 452 -27.49 7.39 16.41
C ILE A 452 -28.90 7.51 15.81
N GLY A 453 -29.42 6.40 15.27
CA GLY A 453 -30.77 6.41 14.75
C GLY A 453 -31.80 6.74 15.82
N GLY A 454 -31.59 6.22 17.04
CA GLY A 454 -32.46 6.60 18.14
C GLY A 454 -32.36 8.08 18.48
N GLN A 455 -31.18 8.67 18.32
CA GLN A 455 -31.01 10.09 18.59
C GLN A 455 -31.62 10.97 17.51
N LEU A 456 -31.86 10.43 16.32
CA LEU A 456 -32.42 11.20 15.21
C LEU A 456 -33.94 11.19 15.20
N HIS A 457 -34.57 10.91 16.34
CA HIS A 457 -36.03 10.87 16.40
C HIS A 457 -36.71 12.19 16.03
N PRO A 458 -36.28 13.35 16.53
CA PRO A 458 -37.01 14.59 16.18
C PRO A 458 -36.99 14.92 14.69
N LEU A 459 -36.05 14.40 13.92
CA LEU A 459 -35.95 14.69 12.51
C LEU A 459 -36.79 13.74 11.65
N GLU A 460 -37.53 12.82 12.26
CA GLU A 460 -38.30 11.85 11.50
C GLU A 460 -39.48 12.46 10.75
N ASN A 461 -39.88 13.68 11.09
CA ASN A 461 -41.01 14.34 10.43
C ASN A 461 -40.58 15.25 9.29
N VAL A 462 -39.29 15.38 9.04
CA VAL A 462 -38.80 16.25 7.96
C VAL A 462 -39.13 15.61 6.62
N PRO A 463 -39.66 16.37 5.65
CA PRO A 463 -39.90 15.81 4.32
C PRO A 463 -38.61 15.33 3.68
N PRO A 464 -38.65 14.22 2.94
CA PRO A 464 -37.41 13.66 2.39
C PRO A 464 -36.65 14.61 1.47
N ALA A 465 -37.35 15.37 0.63
CA ALA A 465 -36.66 16.32 -0.24
C ALA A 465 -36.02 17.44 0.56
N LEU A 466 -36.74 17.96 1.56
CA LEU A 466 -36.16 18.95 2.46
C LEU A 466 -34.98 18.37 3.22
N ALA A 467 -35.06 17.10 3.60
CA ALA A 467 -33.94 16.44 4.27
C ALA A 467 -32.73 16.38 3.36
N VAL A 468 -32.92 16.05 2.08
CA VAL A 468 -31.82 16.04 1.13
C VAL A 468 -31.21 17.43 1.03
N LEU A 469 -32.05 18.45 0.92
CA LEU A 469 -31.55 19.82 0.81
C LEU A 469 -30.72 20.20 2.03
N LEU A 470 -31.23 19.92 3.23
CA LEU A 470 -30.51 20.28 4.45
C LEU A 470 -29.20 19.53 4.58
N ILE A 471 -29.19 18.21 4.31
CA ILE A 471 -27.95 17.47 4.47
C ILE A 471 -26.93 17.90 3.43
N THR A 472 -27.38 18.19 2.21
CA THR A 472 -26.47 18.66 1.17
C THR A 472 -25.86 20.01 1.57
N VAL A 473 -26.68 20.92 2.09
CA VAL A 473 -26.18 22.23 2.51
C VAL A 473 -25.18 22.08 3.65
N VAL A 474 -25.51 21.25 4.64
CA VAL A 474 -24.64 21.07 5.80
C VAL A 474 -23.30 20.47 5.38
N ILE A 475 -23.33 19.45 4.53
CA ILE A 475 -22.10 18.80 4.12
C ILE A 475 -21.27 19.73 3.22
N ALA A 476 -21.94 20.49 2.34
CA ALA A 476 -21.22 21.41 1.48
C ALA A 476 -20.54 22.51 2.28
N PHE A 477 -21.21 23.01 3.31
CA PHE A 477 -20.60 24.07 4.13
C PHE A 477 -19.68 23.52 5.21
N PHE A 478 -19.66 22.20 5.41
CA PHE A 478 -18.69 21.60 6.31
C PHE A 478 -17.43 21.15 5.59
N THR A 479 -17.55 20.72 4.34
CA THR A 479 -16.38 20.32 3.57
C THR A 479 -15.55 21.51 3.11
N GLU A 480 -16.03 22.74 3.30
CA GLU A 480 -15.26 23.92 2.96
C GLU A 480 -14.04 24.09 3.85
N PHE A 481 -14.01 23.43 5.01
CA PHE A 481 -12.92 23.57 5.96
C PHE A 481 -12.07 22.32 6.13
N ALA A 482 -12.56 21.16 5.69
CA ALA A 482 -11.87 19.90 5.89
C ALA A 482 -11.79 19.14 4.56
N SER A 483 -11.03 18.05 4.57
CA SER A 483 -10.91 17.22 3.38
C SER A 483 -12.25 16.59 3.04
N ASN A 484 -12.50 16.43 1.73
CA ASN A 484 -13.75 15.83 1.29
C ASN A 484 -13.88 14.38 1.76
N THR A 485 -12.78 13.63 1.67
CA THR A 485 -12.83 12.22 2.05
C THR A 485 -13.15 12.08 3.53
N ALA A 486 -12.48 12.85 4.39
CA ALA A 486 -12.74 12.78 5.82
C ALA A 486 -14.17 13.22 6.13
N THR A 487 -14.64 14.27 5.45
CA THR A 487 -16.00 14.76 5.67
C THR A 487 -17.03 13.68 5.36
N ILE A 488 -16.89 13.05 4.19
CA ILE A 488 -17.87 12.02 3.82
C ILE A 488 -17.74 10.80 4.72
N ILE A 489 -16.52 10.46 5.13
CA ILE A 489 -16.33 9.34 6.05
C ILE A 489 -17.09 9.58 7.35
N ILE A 490 -16.97 10.79 7.89
CA ILE A 490 -17.62 11.10 9.16
C ILE A 490 -19.14 11.18 8.99
N PHE A 491 -19.61 11.78 7.90
CA PHE A 491 -21.03 12.08 7.78
C PHE A 491 -21.87 10.95 7.21
N LEU A 492 -21.26 9.98 6.53
CA LEU A 492 -22.06 8.95 5.87
C LEU A 492 -22.86 8.06 6.81
N PRO A 493 -22.33 7.56 7.94
CA PRO A 493 -23.19 6.78 8.85
C PRO A 493 -24.40 7.56 9.35
N VAL A 494 -24.22 8.86 9.60
CA VAL A 494 -25.35 9.69 10.02
C VAL A 494 -26.41 9.74 8.93
N LEU A 495 -25.97 9.89 7.67
CA LEU A 495 -26.92 9.91 6.56
C LEU A 495 -27.66 8.59 6.44
N ALA A 496 -26.94 7.46 6.58
CA ALA A 496 -27.58 6.16 6.49
C ALA A 496 -28.63 5.97 7.59
N GLU A 497 -28.27 6.34 8.83
CA GLU A 497 -29.21 6.19 9.93
C GLU A 497 -30.41 7.12 9.77
N LEU A 498 -30.17 8.34 9.29
CA LEU A 498 -31.27 9.28 9.06
C LEU A 498 -32.22 8.74 7.98
N ALA A 499 -31.65 8.15 6.92
CA ALA A 499 -32.50 7.56 5.88
C ALA A 499 -33.30 6.39 6.41
N ILE A 500 -32.68 5.56 7.27
CA ILE A 500 -33.42 4.46 7.89
C ILE A 500 -34.56 5.00 8.74
N ARG A 501 -34.30 6.06 9.50
CA ARG A 501 -35.34 6.64 10.36
C ARG A 501 -36.43 7.32 9.54
N LEU A 502 -36.10 7.79 8.34
CA LEU A 502 -37.04 8.59 7.56
C LEU A 502 -37.90 7.76 6.62
N ARG A 503 -37.82 6.43 6.67
CA ARG A 503 -38.72 5.55 5.91
C ARG A 503 -38.42 5.67 4.42
N VAL A 504 -37.23 6.15 4.07
CA VAL A 504 -36.86 6.41 2.69
C VAL A 504 -35.61 5.61 2.33
N HIS A 505 -35.34 5.52 1.04
CA HIS A 505 -34.23 4.74 0.52
C HIS A 505 -32.91 5.30 1.05
N PRO A 506 -32.00 4.45 1.56
CA PRO A 506 -30.73 4.97 2.09
C PRO A 506 -29.93 5.75 1.08
N LEU A 507 -29.92 5.32 -0.18
CA LEU A 507 -29.16 6.03 -1.21
C LEU A 507 -29.68 7.44 -1.42
N TYR A 508 -30.99 7.65 -1.25
CA TYR A 508 -31.60 8.96 -1.46
C TYR A 508 -30.98 10.02 -0.56
N LEU A 509 -30.40 9.65 0.57
CA LEU A 509 -29.63 10.57 1.41
C LEU A 509 -28.13 10.37 1.30
N MET A 510 -27.66 9.15 1.05
CA MET A 510 -26.22 8.89 1.04
C MET A 510 -25.55 9.44 -0.22
N ILE A 511 -26.18 9.27 -1.38
CA ILE A 511 -25.59 9.77 -2.62
C ILE A 511 -25.47 11.28 -2.64
N PRO A 512 -26.50 12.07 -2.30
CA PRO A 512 -26.32 13.53 -2.29
C PRO A 512 -25.22 13.99 -1.35
N GLY A 513 -25.07 13.34 -0.20
CA GLY A 513 -23.98 13.70 0.69
C GLY A 513 -22.62 13.42 0.08
N THR A 514 -22.48 12.26 -0.56
CA THR A 514 -21.22 11.92 -1.20
C THR A 514 -20.87 12.90 -2.32
N VAL A 515 -21.87 13.30 -3.10
CA VAL A 515 -21.62 14.24 -4.18
C VAL A 515 -21.31 15.63 -3.62
N GLY A 516 -22.05 16.07 -2.60
CA GLY A 516 -21.89 17.40 -2.06
C GLY A 516 -20.63 17.61 -1.25
N CYS A 517 -20.07 16.53 -0.68
CA CYS A 517 -18.81 16.68 0.03
C CYS A 517 -17.67 17.09 -0.90
N SER A 518 -17.79 16.80 -2.19
CA SER A 518 -16.82 17.26 -3.17
C SER A 518 -17.06 18.69 -3.63
N PHE A 519 -18.18 19.30 -3.23
CA PHE A 519 -18.50 20.67 -3.60
C PHE A 519 -17.81 21.63 -2.62
N ALA A 520 -16.50 21.74 -2.78
CA ALA A 520 -15.66 22.59 -1.93
C ALA A 520 -14.96 23.60 -2.82
N PHE A 521 -15.45 24.84 -2.80
CA PHE A 521 -15.01 25.87 -3.73
C PHE A 521 -14.55 27.16 -3.07
N MET A 522 -14.84 27.37 -1.79
CA MET A 522 -14.69 28.68 -1.18
C MET A 522 -13.29 28.98 -0.65
N LEU A 523 -12.56 27.98 -0.17
CA LEU A 523 -11.32 28.27 0.54
C LEU A 523 -10.19 27.42 -0.01
N PRO A 524 -8.94 27.90 0.10
CA PRO A 524 -7.80 27.05 -0.28
C PRO A 524 -7.70 25.77 0.53
N VAL A 525 -8.11 25.82 1.80
CA VAL A 525 -8.07 24.63 2.66
C VAL A 525 -9.14 23.62 2.31
N SER A 526 -10.13 24.02 1.52
CA SER A 526 -11.25 23.12 1.21
C SER A 526 -10.77 21.87 0.49
N THR A 527 -10.02 22.04 -0.60
CA THR A 527 -9.47 20.93 -1.36
C THR A 527 -8.03 21.24 -1.74
N PRO A 528 -7.20 20.21 -1.92
CA PRO A 528 -5.82 20.43 -2.36
C PRO A 528 -5.73 21.18 -3.69
N PRO A 529 -6.63 20.92 -4.65
CA PRO A 529 -6.60 21.76 -5.87
C PRO A 529 -6.76 23.24 -5.60
N ASN A 530 -7.60 23.60 -4.63
CA ASN A 530 -7.75 25.01 -4.27
C ASN A 530 -6.44 25.57 -3.74
N SER A 531 -5.73 24.80 -2.91
CA SER A 531 -4.44 25.26 -2.40
C SER A 531 -3.42 25.41 -3.52
N ILE A 532 -3.40 24.47 -4.46
CA ILE A 532 -2.46 24.57 -5.58
C ILE A 532 -2.75 25.81 -6.41
N ALA A 533 -4.03 26.10 -6.67
CA ALA A 533 -4.38 27.30 -7.40
C ALA A 533 -4.00 28.55 -6.63
N PHE A 534 -4.25 28.57 -5.32
CA PHE A 534 -3.90 29.73 -4.51
C PHE A 534 -2.40 29.94 -4.43
N ALA A 535 -1.61 28.87 -4.58
CA ALA A 535 -0.16 29.01 -4.58
C ALA A 535 0.35 29.84 -5.75
N SER A 536 -0.46 30.03 -6.79
CA SER A 536 -0.06 30.85 -7.93
C SER A 536 0.11 32.31 -7.53
N GLY A 537 -0.71 32.80 -6.61
CA GLY A 537 -0.62 34.16 -6.13
C GLY A 537 -1.51 35.16 -6.83
N HIS A 538 -2.16 34.78 -7.92
CA HIS A 538 -3.07 35.69 -8.61
C HIS A 538 -4.50 35.64 -8.07
N LEU A 539 -4.79 34.72 -7.16
CA LEU A 539 -6.12 34.54 -6.61
C LEU A 539 -6.17 35.03 -5.17
N LEU A 540 -7.19 35.80 -4.83
CA LEU A 540 -7.43 36.21 -3.46
C LEU A 540 -8.45 35.28 -2.82
N VAL A 541 -8.46 35.28 -1.48
CA VAL A 541 -9.42 34.46 -0.75
C VAL A 541 -10.84 34.96 -1.00
N LYS A 542 -11.02 36.28 -1.08
CA LYS A 542 -12.35 36.84 -1.30
C LYS A 542 -12.90 36.42 -2.67
N ASP A 543 -12.04 36.35 -3.68
CA ASP A 543 -12.49 35.93 -5.01
C ASP A 543 -13.05 34.51 -4.98
N MET A 544 -12.31 33.59 -4.35
CA MET A 544 -12.78 32.22 -4.26
C MET A 544 -14.03 32.13 -3.41
N VAL A 545 -14.13 32.92 -2.35
CA VAL A 545 -15.32 32.90 -1.50
C VAL A 545 -16.55 33.34 -2.28
N ARG A 546 -16.44 34.46 -3.01
CA ARG A 546 -17.59 34.99 -3.72
C ARG A 546 -17.97 34.12 -4.91
N THR A 547 -17.00 33.45 -5.54
CA THR A 547 -17.35 32.49 -6.58
C THR A 547 -17.98 31.24 -5.97
N GLY A 548 -17.43 30.76 -4.85
CA GLY A 548 -17.86 29.52 -4.26
C GLY A 548 -19.21 29.56 -3.60
N LEU A 549 -19.66 30.74 -3.15
CA LEU A 549 -21.02 30.83 -2.64
C LEU A 549 -22.03 30.38 -3.71
N LEU A 550 -21.94 30.98 -4.90
CA LEU A 550 -22.87 30.61 -5.95
C LEU A 550 -22.56 29.24 -6.53
N MET A 551 -21.29 28.85 -6.58
CA MET A 551 -20.98 27.49 -7.00
C MET A 551 -21.65 26.46 -6.10
N ASN A 552 -21.58 26.68 -4.79
CA ASN A 552 -22.20 25.78 -3.84
C ASN A 552 -23.72 25.80 -3.96
N LEU A 553 -24.31 26.99 -4.15
CA LEU A 553 -25.75 27.08 -4.28
C LEU A 553 -26.24 26.33 -5.52
N MET A 554 -25.57 26.55 -6.66
CA MET A 554 -25.94 25.84 -7.88
C MET A 554 -25.73 24.34 -7.74
N GLY A 555 -24.64 23.94 -7.08
CA GLY A 555 -24.41 22.52 -6.85
C GLY A 555 -25.48 21.89 -6.00
N VAL A 556 -25.91 22.58 -4.94
CA VAL A 556 -26.98 22.06 -4.08
C VAL A 556 -28.27 21.93 -4.86
N LEU A 557 -28.62 22.96 -5.63
CA LEU A 557 -29.87 22.92 -6.39
C LEU A 557 -29.85 21.80 -7.43
N LEU A 558 -28.73 21.68 -8.16
CA LEU A 558 -28.63 20.65 -9.19
C LEU A 558 -28.60 19.26 -8.57
N LEU A 559 -27.97 19.11 -7.41
CA LEU A 559 -27.96 17.83 -6.72
C LEU A 559 -29.35 17.43 -6.28
N SER A 560 -30.12 18.39 -5.75
CA SER A 560 -31.51 18.09 -5.39
C SER A 560 -32.32 17.70 -6.62
N LEU A 561 -32.13 18.42 -7.74
CA LEU A 561 -32.83 18.09 -8.97
C LEU A 561 -32.49 16.67 -9.43
N ALA A 562 -31.20 16.32 -9.41
CA ALA A 562 -30.77 14.99 -9.83
C ALA A 562 -31.34 13.92 -8.91
N MET A 563 -31.30 14.17 -7.60
CA MET A 563 -31.79 13.18 -6.65
C MET A 563 -33.29 12.98 -6.76
N ASN A 564 -34.02 14.01 -7.17
CA ASN A 564 -35.48 13.93 -7.23
C ASN A 564 -36.02 13.60 -8.61
N THR A 565 -35.21 13.63 -9.66
CA THR A 565 -35.72 13.43 -11.00
C THR A 565 -35.24 12.14 -11.67
N TRP A 566 -33.93 11.93 -11.80
CA TRP A 566 -33.46 10.77 -12.55
C TRP A 566 -32.65 9.79 -11.70
N ALA A 567 -32.20 10.17 -10.51
CA ALA A 567 -31.63 9.19 -9.60
C ALA A 567 -32.68 8.18 -9.15
N GLN A 568 -33.95 8.62 -9.11
CA GLN A 568 -35.03 7.72 -8.69
C GLN A 568 -35.14 6.53 -9.64
N THR A 569 -35.07 6.79 -10.95
CA THR A 569 -35.17 5.69 -11.92
C THR A 569 -33.92 4.82 -11.91
N ILE A 570 -32.75 5.44 -11.76
CA ILE A 570 -31.50 4.70 -11.86
C ILE A 570 -31.33 3.77 -10.66
N PHE A 571 -31.63 4.25 -9.45
CA PHE A 571 -31.34 3.50 -8.23
C PHE A 571 -32.60 2.95 -7.56
N GLN A 572 -33.77 3.09 -8.17
CA GLN A 572 -35.03 2.63 -7.58
C GLN A 572 -35.23 3.21 -6.19
N LEU A 573 -35.13 4.55 -6.11
CA LEU A 573 -35.25 5.26 -4.84
C LEU A 573 -36.70 5.52 -4.44
N GLY A 574 -37.67 5.15 -5.27
CA GLY A 574 -39.06 5.43 -4.97
C GLY A 574 -39.63 4.59 -3.84
N THR A 575 -39.05 3.43 -3.56
CA THR A 575 -39.56 2.54 -2.54
C THR A 575 -38.43 2.17 -1.58
N PHE A 576 -38.80 1.90 -0.34
CA PHE A 576 -37.84 1.45 0.66
C PHE A 576 -37.35 0.06 0.28
N PRO A 577 -36.04 -0.14 0.10
CA PRO A 577 -35.54 -1.46 -0.29
C PRO A 577 -35.66 -2.48 0.83
N ASP A 578 -35.68 -3.76 0.44
CA ASP A 578 -35.77 -4.83 1.42
C ASP A 578 -34.48 -4.94 2.24
N TRP A 579 -33.33 -4.63 1.62
CA TRP A 579 -32.06 -4.76 2.34
C TRP A 579 -31.83 -3.64 3.34
N ALA A 580 -32.67 -2.61 3.36
CA ALA A 580 -32.54 -1.53 4.32
C ALA A 580 -33.40 -1.75 5.56
N ASP A 581 -34.46 -2.54 5.44
CA ASP A 581 -35.35 -2.79 6.57
C ASP A 581 -34.86 -3.95 7.42
N MET B 1 26.54 -24.55 -36.74
CA MET B 1 25.13 -24.43 -36.38
C MET B 1 24.89 -23.21 -35.50
N ALA B 2 25.39 -22.05 -35.95
CA ALA B 2 25.19 -20.82 -35.20
C ALA B 2 23.74 -20.38 -35.19
N ALA B 3 22.93 -20.88 -36.12
CA ALA B 3 21.51 -20.55 -36.14
C ALA B 3 20.82 -21.04 -34.88
N LEU B 4 21.20 -22.22 -34.39
CA LEU B 4 20.61 -22.73 -33.15
C LEU B 4 20.93 -21.82 -31.97
N ALA B 5 22.19 -21.38 -31.86
CA ALA B 5 22.56 -20.48 -30.77
C ALA B 5 21.85 -19.14 -30.90
N ALA B 6 21.72 -18.63 -32.12
CA ALA B 6 21.00 -17.37 -32.32
C ALA B 6 19.54 -17.51 -31.91
N ALA B 7 18.90 -18.61 -32.29
CA ALA B 7 17.50 -18.84 -31.91
C ALA B 7 17.35 -18.98 -30.41
N ALA B 8 18.32 -19.65 -29.77
CA ALA B 8 18.28 -19.78 -28.31
C ALA B 8 18.40 -18.40 -27.65
N LYS B 9 19.27 -17.54 -28.18
CA LYS B 9 19.38 -16.19 -27.62
C LYS B 9 18.10 -15.39 -27.84
N LYS B 10 17.47 -15.54 -29.00
CA LYS B 10 16.19 -14.86 -29.24
C LYS B 10 15.13 -15.34 -28.26
N VAL B 11 15.07 -16.65 -28.00
CA VAL B 11 14.10 -17.20 -27.07
C VAL B 11 14.36 -16.68 -25.66
N TRP B 12 15.63 -16.67 -25.24
CA TRP B 12 15.96 -16.21 -23.90
C TRP B 12 15.64 -14.73 -23.71
N SER B 13 15.90 -13.92 -24.75
CA SER B 13 15.64 -12.49 -24.64
C SER B 13 14.15 -12.21 -24.42
N ALA B 14 13.27 -12.99 -25.05
CA ALA B 14 11.83 -12.86 -24.88
C ALA B 14 11.25 -13.94 -23.98
N ARG B 15 12.01 -14.36 -22.97
CA ARG B 15 11.57 -15.47 -22.13
C ARG B 15 10.35 -15.11 -21.30
N ARG B 16 10.24 -13.86 -20.85
CA ARG B 16 9.15 -13.47 -19.97
C ARG B 16 7.80 -13.61 -20.67
N LEU B 17 7.68 -13.05 -21.88
CA LEU B 17 6.41 -13.13 -22.60
C LEU B 17 6.08 -14.57 -22.98
N LEU B 18 7.08 -15.35 -23.39
CA LEU B 18 6.84 -16.74 -23.76
C LEU B 18 6.32 -17.53 -22.58
N VAL B 19 6.96 -17.39 -21.43
CA VAL B 19 6.50 -18.08 -20.22
C VAL B 19 5.09 -17.63 -19.87
N LEU B 20 4.85 -16.32 -19.91
CA LEU B 20 3.55 -15.78 -19.53
C LEU B 20 2.44 -16.33 -20.41
N LEU B 21 2.69 -16.41 -21.71
CA LEU B 21 1.65 -16.86 -22.63
C LEU B 21 1.47 -18.37 -22.59
N PHE B 22 2.55 -19.14 -22.42
CA PHE B 22 2.48 -20.59 -22.55
C PHE B 22 2.26 -21.33 -21.24
N THR B 23 2.42 -20.67 -20.09
CA THR B 23 2.15 -21.35 -18.83
C THR B 23 0.69 -21.74 -18.67
N PRO B 24 -0.30 -20.88 -18.94
CA PRO B 24 -1.70 -21.33 -18.82
C PRO B 24 -2.02 -22.50 -19.74
N LEU B 25 -1.49 -22.52 -20.96
CA LEU B 25 -1.74 -23.64 -21.85
C LEU B 25 -1.12 -24.93 -21.33
N ALA B 26 0.08 -24.84 -20.76
CA ALA B 26 0.71 -26.03 -20.20
C ALA B 26 -0.01 -26.53 -18.96
N LEU B 27 -0.58 -25.63 -18.17
CA LEU B 27 -1.28 -26.00 -16.95
C LEU B 27 -2.75 -26.31 -17.15
N LEU B 28 -3.27 -26.09 -18.36
CA LEU B 28 -4.66 -26.40 -18.66
C LEU B 28 -5.10 -27.82 -18.30
N PRO B 29 -4.32 -28.88 -18.56
CA PRO B 29 -4.78 -30.23 -18.20
C PRO B 29 -5.03 -30.42 -16.71
N VAL B 30 -4.47 -29.57 -15.86
CA VAL B 30 -4.74 -29.66 -14.42
C VAL B 30 -6.22 -29.47 -14.14
N VAL B 31 -6.85 -28.52 -14.84
CA VAL B 31 -8.27 -28.27 -14.66
C VAL B 31 -9.09 -29.49 -15.04
N PHE B 32 -8.74 -30.13 -16.16
CA PHE B 32 -9.50 -31.28 -16.64
C PHE B 32 -9.30 -32.50 -15.75
N ALA B 33 -8.09 -32.70 -15.24
CA ALA B 33 -7.80 -33.91 -14.47
C ALA B 33 -8.51 -33.90 -13.12
N LEU B 34 -8.44 -32.79 -12.40
CA LEU B 34 -8.98 -32.67 -11.07
C LEU B 34 -10.46 -32.32 -11.11
N PRO B 35 -11.16 -32.46 -9.99
CA PRO B 35 -12.53 -31.93 -9.89
C PRO B 35 -12.54 -30.44 -10.14
N PRO B 36 -13.67 -29.88 -10.58
CA PRO B 36 -13.68 -28.51 -11.13
C PRO B 36 -13.11 -27.44 -10.22
N LYS B 37 -13.65 -27.28 -9.01
CA LYS B 37 -13.20 -26.22 -8.13
C LYS B 37 -11.74 -26.44 -7.71
N GLU B 38 -11.43 -27.66 -7.27
CA GLU B 38 -10.06 -27.98 -6.88
C GLU B 38 -9.10 -27.84 -8.06
N GLY B 39 -9.52 -28.29 -9.25
CA GLY B 39 -8.67 -28.17 -10.41
C GLY B 39 -8.38 -26.73 -10.78
N ARG B 40 -9.40 -25.87 -10.73
CA ARG B 40 -9.19 -24.47 -11.04
C ARG B 40 -8.31 -23.79 -10.00
N CYS B 41 -8.50 -24.11 -8.72
CA CYS B 41 -7.65 -23.54 -7.69
C CYS B 41 -6.21 -23.98 -7.87
N LEU B 42 -5.98 -25.26 -8.17
CA LEU B 42 -4.63 -25.75 -8.41
C LEU B 42 -4.02 -25.10 -9.64
N PHE B 43 -4.84 -24.87 -10.68
CA PHE B 43 -4.36 -24.15 -11.85
C PHE B 43 -3.87 -22.76 -11.48
N VAL B 44 -4.65 -22.04 -10.67
CA VAL B 44 -4.26 -20.71 -10.26
C VAL B 44 -2.97 -20.75 -9.46
N ILE B 45 -2.87 -21.70 -8.51
CA ILE B 45 -1.69 -21.77 -7.65
C ILE B 45 -0.45 -22.08 -8.47
N LEU B 46 -0.55 -23.05 -9.39
CA LEU B 46 0.61 -23.41 -10.21
C LEU B 46 0.99 -22.28 -11.15
N LEU B 47 0.00 -21.58 -11.72
CA LEU B 47 0.30 -20.43 -12.57
C LEU B 47 1.06 -19.37 -11.80
N MET B 48 0.61 -19.07 -10.58
CA MET B 48 1.28 -18.06 -9.78
C MET B 48 2.67 -18.50 -9.38
N ALA B 49 2.84 -19.79 -9.07
CA ALA B 49 4.16 -20.31 -8.72
C ALA B 49 5.12 -20.18 -9.89
N VAL B 50 4.68 -20.54 -11.10
CA VAL B 50 5.53 -20.44 -12.27
C VAL B 50 5.88 -18.98 -12.56
N TYR B 51 4.88 -18.09 -12.45
CA TYR B 51 5.13 -16.67 -12.71
C TYR B 51 6.12 -16.10 -11.70
N TRP B 52 6.02 -16.50 -10.44
CA TRP B 52 6.96 -16.04 -9.43
C TRP B 52 8.37 -16.58 -9.69
N CYS B 53 8.48 -17.86 -10.03
CA CYS B 53 9.80 -18.46 -10.24
C CYS B 53 10.48 -17.88 -11.47
N THR B 54 9.74 -17.70 -12.57
CA THR B 54 10.31 -17.22 -13.82
C THR B 54 10.35 -15.70 -13.90
N GLU B 55 9.73 -15.00 -12.95
CA GLU B 55 9.69 -13.53 -12.94
C GLU B 55 9.03 -13.00 -14.21
N ALA B 56 8.04 -13.74 -14.72
CA ALA B 56 7.32 -13.29 -15.91
C ALA B 56 6.57 -12.00 -15.66
N LEU B 57 6.12 -11.78 -14.43
CA LEU B 57 5.48 -10.56 -13.97
C LEU B 57 6.17 -10.12 -12.70
N PRO B 58 6.04 -8.83 -12.33
CA PRO B 58 6.51 -8.41 -11.01
C PRO B 58 5.81 -9.20 -9.91
N LEU B 59 6.54 -9.45 -8.82
CA LEU B 59 6.02 -10.29 -7.76
C LEU B 59 4.71 -9.75 -7.21
N SER B 60 4.62 -8.43 -7.02
CA SER B 60 3.37 -7.83 -6.56
C SER B 60 2.26 -8.01 -7.58
N VAL B 61 2.57 -7.87 -8.87
CA VAL B 61 1.56 -8.03 -9.90
C VAL B 61 1.06 -9.47 -9.95
N THR B 62 1.99 -10.43 -9.85
CA THR B 62 1.59 -11.84 -9.81
C THR B 62 0.75 -12.12 -8.56
N ALA B 63 1.06 -11.45 -7.45
CA ALA B 63 0.28 -11.63 -6.23
C ALA B 63 -1.15 -11.13 -6.38
N LEU B 64 -1.42 -10.30 -7.39
CA LEU B 64 -2.78 -9.84 -7.64
C LEU B 64 -3.61 -10.82 -8.45
N LEU B 65 -3.02 -11.92 -8.90
CA LEU B 65 -3.74 -12.88 -9.72
C LEU B 65 -4.92 -13.55 -9.05
N PRO B 66 -4.93 -13.83 -7.73
CA PRO B 66 -6.15 -14.39 -7.13
C PRO B 66 -7.36 -13.50 -7.34
N ILE B 67 -7.16 -12.18 -7.29
CA ILE B 67 -8.24 -11.22 -7.43
C ILE B 67 -8.98 -11.43 -8.74
N VAL B 68 -8.24 -11.73 -9.80
CA VAL B 68 -8.87 -11.99 -11.09
C VAL B 68 -9.40 -13.42 -11.14
N LEU B 69 -8.53 -14.40 -10.85
CA LEU B 69 -8.83 -15.78 -11.18
C LEU B 69 -9.87 -16.42 -10.27
N PHE B 70 -9.82 -16.18 -8.96
CA PHE B 70 -10.80 -16.81 -8.06
C PHE B 70 -12.24 -16.40 -8.38
N PRO B 71 -12.56 -15.12 -8.61
CA PRO B 71 -13.95 -14.79 -8.93
C PRO B 71 -14.42 -15.31 -10.28
N PHE B 72 -13.63 -15.19 -11.35
CA PHE B 72 -14.06 -15.73 -12.63
C PHE B 72 -14.24 -17.24 -12.59
N MET B 73 -13.40 -17.94 -11.82
CA MET B 73 -13.49 -19.39 -11.74
C MET B 73 -14.46 -19.86 -10.67
N GLY B 74 -15.08 -18.95 -9.93
CA GLY B 74 -16.04 -19.34 -8.90
C GLY B 74 -15.43 -19.88 -7.64
N ILE B 75 -14.11 -19.79 -7.48
CA ILE B 75 -13.47 -20.29 -6.27
C ILE B 75 -13.82 -19.40 -5.07
N LEU B 76 -13.75 -18.09 -5.26
CA LEU B 76 -13.98 -17.15 -4.16
C LEU B 76 -14.48 -15.83 -4.71
N PRO B 77 -15.54 -15.27 -4.14
CA PRO B 77 -16.02 -13.96 -4.60
C PRO B 77 -15.04 -12.86 -4.24
N SER B 78 -15.16 -11.73 -4.97
CA SER B 78 -14.23 -10.62 -4.80
C SER B 78 -14.27 -10.07 -3.38
N ASN B 79 -15.47 -9.92 -2.83
CA ASN B 79 -15.63 -9.35 -1.49
C ASN B 79 -15.03 -10.25 -0.40
N LYS B 80 -14.68 -11.48 -0.72
CA LYS B 80 -13.98 -12.37 0.19
C LYS B 80 -12.48 -12.40 -0.06
N VAL B 81 -12.06 -12.52 -1.33
CA VAL B 81 -10.63 -12.65 -1.62
C VAL B 81 -9.90 -11.34 -1.37
N CYS B 82 -10.54 -10.20 -1.69
CA CYS B 82 -9.85 -8.93 -1.55
C CYS B 82 -9.45 -8.62 -0.10
N PRO B 83 -10.34 -8.75 0.90
CA PRO B 83 -9.89 -8.51 2.28
C PRO B 83 -8.88 -9.52 2.80
N GLN B 84 -8.67 -10.68 2.24
CA GLN B 84 -7.53 -11.48 2.69
C GLN B 84 -6.21 -10.73 2.53
N TYR B 85 -6.15 -9.64 1.78
CA TYR B 85 -4.90 -8.93 1.46
C TYR B 85 -4.48 -7.93 2.54
N PHE B 86 -5.35 -7.67 3.49
CA PHE B 86 -4.99 -6.82 4.64
C PHE B 86 -5.40 -7.48 5.95
N LEU B 87 -5.18 -8.78 6.07
CA LEU B 87 -5.20 -9.45 7.39
C LEU B 87 -4.19 -8.73 8.29
N ASP B 88 -4.22 -8.83 9.63
CA ASP B 88 -3.42 -8.14 10.64
C ASP B 88 -1.94 -8.48 10.51
N THR B 89 -1.62 -9.62 9.91
CA THR B 89 -0.21 -9.94 9.67
C THR B 89 0.44 -8.91 8.77
N ASN B 90 -0.28 -8.46 7.74
CA ASN B 90 0.22 -7.38 6.90
C ASN B 90 0.38 -6.07 7.66
N PHE B 91 -0.45 -5.83 8.68
CA PHE B 91 -0.23 -4.61 9.46
C PHE B 91 0.96 -4.73 10.39
N LEU B 92 1.22 -5.92 10.92
CA LEU B 92 2.47 -6.13 11.66
C LEU B 92 3.66 -5.90 10.75
N PHE B 93 3.59 -6.41 9.52
CA PHE B 93 4.66 -6.17 8.55
C PHE B 93 4.82 -4.68 8.25
N LEU B 94 3.70 -3.99 8.06
CA LEU B 94 3.75 -2.57 7.73
C LEU B 94 4.32 -1.75 8.88
N SER B 95 3.95 -2.09 10.12
CA SER B 95 4.53 -1.42 11.28
C SER B 95 6.03 -1.67 11.36
N GLY B 96 6.46 -2.91 11.11
CA GLY B 96 7.88 -3.19 11.07
C GLY B 96 8.60 -2.39 10.00
N LEU B 97 8.00 -2.28 8.81
CA LEU B 97 8.60 -1.51 7.74
C LEU B 97 8.68 -0.03 8.08
N ILE B 98 7.64 0.51 8.71
CA ILE B 98 7.64 1.91 9.09
C ILE B 98 8.71 2.17 10.15
N MET B 99 8.85 1.26 11.11
CA MET B 99 9.90 1.41 12.12
C MET B 99 11.29 1.33 11.49
N ALA B 100 11.45 0.41 10.52
CA ALA B 100 12.72 0.31 9.81
C ALA B 100 13.02 1.59 9.03
N SER B 101 11.99 2.17 8.40
CA SER B 101 12.16 3.42 7.67
C SER B 101 12.57 4.55 8.62
N ALA B 102 11.95 4.60 9.80
CA ALA B 102 12.33 5.59 10.79
C ALA B 102 13.78 5.39 11.25
N ILE B 103 14.18 4.13 11.43
CA ILE B 103 15.55 3.84 11.85
C ILE B 103 16.54 4.27 10.78
N GLU B 104 16.26 3.96 9.51
CA GLU B 104 17.18 4.30 8.44
C GLU B 104 17.17 5.81 8.14
N GLU B 105 16.08 6.50 8.48
CA GLU B 105 16.00 7.93 8.20
C GLU B 105 17.04 8.70 8.99
N TRP B 106 17.29 8.30 10.23
CA TRP B 106 18.21 9.01 11.12
C TRP B 106 19.56 8.31 11.22
N ASN B 107 19.85 7.36 10.34
CA ASN B 107 21.12 6.64 10.31
C ASN B 107 21.42 5.94 11.64
N LEU B 108 20.37 5.52 12.34
CA LEU B 108 20.57 4.75 13.57
C LEU B 108 21.20 3.39 13.27
N HIS B 109 20.77 2.76 12.17
CA HIS B 109 21.32 1.45 11.81
C HIS B 109 22.82 1.56 11.50
N ARG B 110 23.23 2.61 10.81
CA ARG B 110 24.65 2.79 10.53
C ARG B 110 25.46 3.02 11.80
N ARG B 111 24.91 3.81 12.73
CA ARG B 111 25.59 4.04 14.00
C ARG B 111 25.76 2.74 14.77
N ILE B 112 24.70 1.93 14.85
CA ILE B 112 24.78 0.66 15.54
C ILE B 112 25.80 -0.26 14.86
N ALA B 113 25.77 -0.30 13.52
CA ALA B 113 26.69 -1.15 12.78
C ALA B 113 28.14 -0.77 13.05
N LEU B 114 28.44 0.52 12.98
CA LEU B 114 29.82 0.97 13.20
C LEU B 114 30.25 0.76 14.65
N LYS B 115 29.33 0.97 15.60
CA LYS B 115 29.66 0.71 16.99
C LYS B 115 29.99 -0.77 17.22
N ILE B 116 29.19 -1.67 16.66
CA ILE B 116 29.46 -3.10 16.81
C ILE B 116 30.78 -3.46 16.15
N LEU B 117 31.05 -2.91 14.97
CA LEU B 117 32.31 -3.18 14.30
C LEU B 117 33.49 -2.71 15.13
N MET B 118 33.34 -1.56 15.81
CA MET B 118 34.38 -1.12 16.74
C MET B 118 34.54 -2.10 17.90
N LEU B 119 33.42 -2.58 18.45
CA LEU B 119 33.48 -3.42 19.63
C LEU B 119 34.13 -4.76 19.33
N VAL B 120 33.76 -5.40 18.22
CA VAL B 120 34.23 -6.76 17.98
C VAL B 120 35.72 -6.81 17.75
N GLY B 121 36.27 -5.89 16.97
CA GLY B 121 37.70 -5.84 16.73
C GLY B 121 38.02 -5.62 15.26
N VAL B 122 39.28 -5.87 14.91
CA VAL B 122 39.80 -5.57 13.58
C VAL B 122 40.53 -6.80 13.03
N GLN B 123 40.79 -7.78 13.88
CA GLN B 123 41.45 -9.00 13.46
C GLN B 123 40.58 -9.72 12.43
N PRO B 124 41.20 -10.42 11.46
CA PRO B 124 40.42 -10.94 10.32
C PRO B 124 39.26 -11.86 10.72
N ALA B 125 39.52 -12.91 11.50
CA ALA B 125 38.38 -13.74 11.95
C ALA B 125 37.42 -12.89 12.76
N ARG B 126 37.97 -12.01 13.61
CA ARG B 126 37.12 -11.16 14.48
C ARG B 126 36.33 -10.25 13.57
N LEU B 127 36.88 -9.83 12.45
CA LEU B 127 36.20 -8.89 11.54
C LEU B 127 35.07 -9.60 10.79
N ILE B 128 35.25 -10.84 10.38
CA ILE B 128 34.13 -11.58 9.76
C ILE B 128 33.07 -11.80 10.82
N LEU B 129 33.47 -12.10 12.06
CA LEU B 129 32.45 -12.24 13.11
C LEU B 129 31.70 -10.92 13.23
N GLY B 130 32.40 -9.80 13.31
CA GLY B 130 31.75 -8.50 13.48
C GLY B 130 30.76 -8.27 12.40
N MET B 131 31.18 -8.52 11.18
CA MET B 131 30.30 -8.26 10.02
C MET B 131 29.06 -9.13 10.13
N MET B 132 29.24 -10.41 10.34
CA MET B 132 28.11 -11.35 10.46
C MET B 132 27.17 -10.92 11.58
N VAL B 133 27.69 -10.57 12.74
CA VAL B 133 26.81 -10.23 13.89
C VAL B 133 26.07 -8.93 13.55
N THR B 134 26.75 -7.93 13.02
CA THR B 134 26.07 -6.69 12.59
C THR B 134 24.97 -7.00 11.58
N THR B 135 25.25 -7.73 10.51
CA THR B 135 24.24 -7.89 9.44
C THR B 135 23.08 -8.71 9.98
N SER B 136 23.34 -9.66 10.86
CA SER B 136 22.28 -10.55 11.37
C SER B 136 21.38 -9.76 12.33
N PHE B 137 21.99 -8.90 13.13
CA PHE B 137 21.22 -8.02 14.03
C PHE B 137 20.42 -7.03 13.20
N LEU B 138 21.00 -6.42 12.16
CA LEU B 138 20.23 -5.45 11.40
C LEU B 138 19.18 -6.10 10.51
N SER B 139 19.41 -7.36 10.12
CA SER B 139 18.40 -8.08 9.35
C SER B 139 17.24 -8.55 10.23
N MET B 140 17.41 -8.56 11.55
CA MET B 140 16.32 -8.94 12.44
C MET B 140 15.20 -7.91 12.40
N TRP B 141 15.50 -6.67 12.06
CA TRP B 141 14.53 -5.58 12.04
C TRP B 141 14.40 -4.92 10.68
N LEU B 142 15.50 -4.73 9.96
CA LEU B 142 15.45 -4.29 8.58
C LEU B 142 15.35 -5.51 7.66
N SER B 143 15.04 -5.26 6.40
CA SER B 143 14.99 -6.34 5.43
C SER B 143 16.39 -6.85 5.13
N ASN B 144 16.47 -8.10 4.67
CA ASN B 144 17.76 -8.68 4.31
C ASN B 144 18.42 -7.87 3.21
N THR B 145 17.64 -7.45 2.20
CA THR B 145 18.17 -6.65 1.11
C THR B 145 18.75 -5.34 1.62
N ALA B 146 18.01 -4.65 2.49
CA ALA B 146 18.48 -3.37 3.00
C ALA B 146 19.74 -3.53 3.85
N SER B 147 19.76 -4.56 4.70
CA SER B 147 20.93 -4.78 5.55
C SER B 147 22.17 -5.08 4.71
N THR B 148 22.02 -5.96 3.71
CA THR B 148 23.15 -6.28 2.85
C THR B 148 23.62 -5.06 2.07
N ALA B 149 22.68 -4.30 1.51
CA ALA B 149 23.05 -3.15 0.70
C ALA B 149 23.69 -2.05 1.53
N MET B 150 23.30 -1.93 2.80
CA MET B 150 23.95 -0.93 3.65
C MET B 150 25.31 -1.42 4.14
N MET B 151 25.47 -2.71 4.37
CA MET B 151 26.69 -3.18 5.00
C MET B 151 27.79 -3.48 3.99
N LEU B 152 27.44 -3.68 2.72
CA LEU B 152 28.45 -3.94 1.70
C LEU B 152 29.42 -2.77 1.50
N PRO B 153 28.96 -1.50 1.38
CA PRO B 153 29.95 -0.42 1.23
C PRO B 153 30.90 -0.30 2.40
N ILE B 154 30.43 -0.56 3.62
CA ILE B 154 31.32 -0.51 4.78
C ILE B 154 32.39 -1.59 4.67
N ALA B 155 32.00 -2.80 4.27
CA ALA B 155 32.98 -3.87 4.07
C ALA B 155 33.96 -3.52 2.98
N ASN B 156 33.48 -2.91 1.89
CA ASN B 156 34.38 -2.50 0.81
C ASN B 156 35.40 -1.49 1.30
N ALA B 157 34.94 -0.48 2.05
CA ALA B 157 35.84 0.53 2.58
C ALA B 157 36.87 -0.08 3.53
N ILE B 158 36.42 -0.98 4.41
CA ILE B 158 37.35 -1.61 5.35
C ILE B 158 38.38 -2.44 4.61
N LEU B 159 37.95 -3.20 3.59
CA LEU B 159 38.88 -4.02 2.83
C LEU B 159 39.88 -3.16 2.06
N LYS B 160 39.42 -2.06 1.46
CA LYS B 160 40.33 -1.15 0.77
C LYS B 160 41.34 -0.55 1.73
N SER B 161 40.90 -0.16 2.92
CA SER B 161 41.83 0.38 3.90
C SER B 161 42.84 -0.69 4.35
N LEU B 162 42.38 -1.93 4.52
CA LEU B 162 43.28 -3.01 4.92
C LEU B 162 44.33 -3.29 3.85
N PHE B 163 43.92 -3.29 2.58
CA PHE B 163 44.80 -3.69 1.49
C PHE B 163 45.19 -2.55 0.55
N GLY B 164 45.02 -1.30 0.98
CA GLY B 164 45.39 -0.17 0.15
C GLY B 164 46.89 0.03 0.06
N ASP B 219 56.55 -15.29 -3.30
CA ASP B 219 55.68 -15.21 -2.13
C ASP B 219 54.55 -14.22 -2.39
N SER B 220 54.65 -13.50 -3.51
CA SER B 220 53.59 -12.57 -3.89
C SER B 220 52.30 -13.31 -4.21
N ARG B 221 52.40 -14.49 -4.85
CA ARG B 221 51.21 -15.27 -5.14
C ARG B 221 50.48 -15.67 -3.86
N LYS B 222 51.24 -16.07 -2.84
CA LYS B 222 50.61 -16.40 -1.55
C LYS B 222 49.87 -15.20 -0.97
N GLU B 223 50.53 -14.04 -0.90
CA GLU B 223 49.93 -12.91 -0.22
C GLU B 223 48.72 -12.41 -0.99
N ASP B 224 48.81 -12.41 -2.32
CA ASP B 224 47.66 -12.04 -3.15
C ASP B 224 46.51 -13.03 -3.00
N GLU B 225 46.83 -14.34 -2.92
CA GLU B 225 45.81 -15.34 -2.64
C GLU B 225 45.08 -15.05 -1.34
N TYR B 226 45.84 -14.71 -0.30
CA TYR B 226 45.22 -14.44 1.00
C TYR B 226 44.35 -13.19 0.93
N ARG B 227 44.82 -12.16 0.23
CA ARG B 227 44.03 -10.94 0.05
C ARG B 227 42.71 -11.25 -0.64
N ARG B 228 42.76 -12.03 -1.72
CA ARG B 228 41.58 -12.32 -2.51
C ARG B 228 40.60 -13.19 -1.72
N ASN B 229 41.14 -14.15 -0.95
CA ASN B 229 40.28 -14.98 -0.11
C ASN B 229 39.61 -14.16 0.97
N ILE B 230 40.33 -13.21 1.58
CA ILE B 230 39.73 -12.34 2.58
C ILE B 230 38.62 -11.49 1.97
N TRP B 231 38.88 -10.93 0.77
CA TRP B 231 37.83 -10.19 0.08
C TRP B 231 36.59 -11.03 -0.13
N LYS B 232 36.77 -12.24 -0.67
CA LYS B 232 35.61 -13.10 -0.96
C LYS B 232 34.88 -13.46 0.33
N GLY B 233 35.62 -13.74 1.41
CA GLY B 233 34.98 -14.09 2.66
C GLY B 233 34.16 -12.95 3.23
N PHE B 234 34.71 -11.74 3.22
CA PHE B 234 33.97 -10.59 3.71
C PHE B 234 32.71 -10.35 2.88
N LEU B 235 32.83 -10.48 1.56
CA LEU B 235 31.68 -10.22 0.70
C LEU B 235 30.64 -11.33 0.76
N ILE B 236 31.02 -12.55 1.12
CA ILE B 236 30.05 -13.63 1.23
C ILE B 236 29.44 -13.77 2.61
N SER B 237 30.11 -13.24 3.65
CA SER B 237 29.58 -13.37 5.00
C SER B 237 28.40 -12.45 5.26
N ILE B 238 28.24 -11.39 4.47
CA ILE B 238 27.19 -10.41 4.69
C ILE B 238 25.82 -10.96 4.27
N PRO B 239 25.62 -11.40 3.03
CA PRO B 239 24.26 -11.88 2.67
C PRO B 239 23.85 -13.12 3.42
N TYR B 240 24.80 -14.01 3.72
CA TYR B 240 24.48 -15.21 4.48
C TYR B 240 23.99 -14.85 5.88
N SER B 241 24.69 -13.92 6.53
CA SER B 241 24.29 -13.49 7.87
C SER B 241 22.97 -12.73 7.83
N ALA B 242 22.73 -11.95 6.76
CA ALA B 242 21.45 -11.26 6.62
C ALA B 242 20.31 -12.27 6.51
N SER B 243 20.48 -13.29 5.68
CA SER B 243 19.46 -14.32 5.53
C SER B 243 19.24 -15.08 6.83
N ILE B 244 20.32 -15.37 7.55
CA ILE B 244 20.20 -16.10 8.82
C ILE B 244 19.47 -15.26 9.85
N GLY B 245 19.83 -13.98 9.97
CA GLY B 245 19.23 -13.10 10.95
C GLY B 245 17.81 -12.69 10.63
N GLY B 246 17.41 -12.76 9.36
CA GLY B 246 16.02 -12.47 9.03
C GLY B 246 15.03 -13.45 9.61
N THR B 247 15.49 -14.66 9.95
CA THR B 247 14.61 -15.70 10.49
C THR B 247 14.39 -15.57 12.00
N ALA B 248 15.18 -14.74 12.69
CA ALA B 248 15.10 -14.69 14.14
C ALA B 248 13.81 -14.05 14.63
N THR B 249 13.23 -13.12 13.85
CA THR B 249 12.02 -12.43 14.24
C THR B 249 10.96 -12.59 13.16
N LEU B 250 9.70 -12.45 13.55
CA LEU B 250 8.61 -12.53 12.59
C LEU B 250 8.70 -11.42 11.56
N THR B 251 9.02 -10.20 11.99
CA THR B 251 9.17 -9.08 11.07
C THR B 251 10.52 -9.05 10.38
N GLY B 252 11.43 -9.96 10.74
CA GLY B 252 12.74 -9.97 10.11
C GLY B 252 12.68 -10.26 8.63
N THR B 253 11.81 -11.18 8.22
CA THR B 253 11.70 -11.53 6.81
C THR B 253 10.25 -11.87 6.49
N ALA B 254 9.90 -11.71 5.22
CA ALA B 254 8.53 -11.95 4.78
C ALA B 254 8.03 -13.38 5.00
N PRO B 255 8.82 -14.44 4.74
CA PRO B 255 8.26 -15.80 4.90
C PRO B 255 7.70 -16.10 6.28
N ASN B 256 8.28 -15.53 7.34
CA ASN B 256 7.70 -15.73 8.68
C ASN B 256 6.27 -15.19 8.73
N LEU B 257 6.05 -14.01 8.16
CA LEU B 257 4.71 -13.45 8.11
C LEU B 257 3.81 -14.24 7.16
N ILE B 258 4.38 -14.84 6.12
CA ILE B 258 3.58 -15.74 5.29
C ILE B 258 3.07 -16.91 6.11
N LEU B 259 3.95 -17.50 6.92
CA LEU B 259 3.52 -18.60 7.79
C LEU B 259 2.44 -18.13 8.75
N LEU B 260 2.64 -16.96 9.37
CA LEU B 260 1.67 -16.45 10.33
C LEU B 260 0.31 -16.20 9.69
N GLY B 261 0.30 -15.62 8.50
CA GLY B 261 -0.96 -15.30 7.84
C GLY B 261 -1.67 -16.53 7.30
N GLN B 262 -0.91 -17.48 6.72
CA GLN B 262 -1.53 -18.68 6.18
C GLN B 262 -1.99 -19.62 7.28
N LEU B 263 -1.41 -19.53 8.48
CA LEU B 263 -1.94 -20.29 9.60
C LEU B 263 -3.37 -19.87 9.91
N LYS B 264 -3.67 -18.58 9.79
CA LYS B 264 -5.03 -18.09 10.06
C LYS B 264 -6.03 -18.69 9.08
N SER B 265 -5.61 -18.99 7.85
CA SER B 265 -6.52 -19.58 6.88
C SER B 265 -6.63 -21.09 7.07
N PHE B 266 -5.50 -21.78 7.21
CA PHE B 266 -5.53 -23.22 7.34
C PHE B 266 -6.02 -23.65 8.72
N PHE B 267 -5.55 -22.99 9.77
CA PHE B 267 -5.91 -23.32 11.15
C PHE B 267 -6.29 -22.04 11.88
N PRO B 268 -7.53 -21.57 11.68
CA PRO B 268 -7.92 -20.27 12.28
C PRO B 268 -7.84 -20.26 13.80
N GLN B 269 -8.01 -21.41 14.45
CA GLN B 269 -8.02 -21.46 15.90
C GLN B 269 -6.63 -21.54 16.50
N CYS B 270 -5.59 -21.65 15.69
CA CYS B 270 -4.22 -21.67 16.20
C CYS B 270 -3.75 -20.26 16.54
N ASP B 271 -3.20 -20.10 17.73
CA ASP B 271 -2.71 -18.78 18.16
C ASP B 271 -1.39 -18.88 18.93
N VAL B 272 -0.70 -20.02 18.91
CA VAL B 272 0.51 -20.16 19.72
C VAL B 272 1.72 -19.49 19.07
N VAL B 273 1.67 -19.18 17.78
CA VAL B 273 2.77 -18.53 17.09
C VAL B 273 2.54 -17.02 17.15
N ASN B 274 3.42 -16.31 17.85
CA ASN B 274 3.41 -14.86 17.89
C ASN B 274 4.86 -14.38 17.89
N PHE B 275 5.06 -13.09 18.16
CA PHE B 275 6.39 -12.52 18.13
C PHE B 275 7.28 -13.15 19.19
N GLY B 276 6.78 -13.24 20.43
CA GLY B 276 7.61 -13.74 21.52
C GLY B 276 7.98 -15.21 21.36
N SER B 277 7.00 -16.05 21.03
CA SER B 277 7.28 -17.47 20.87
C SER B 277 8.21 -17.73 19.70
N TRP B 278 7.96 -17.06 18.57
CA TRP B 278 8.84 -17.22 17.42
C TRP B 278 10.25 -16.76 17.74
N PHE B 279 10.38 -15.66 18.49
CA PHE B 279 11.71 -15.18 18.85
C PHE B 279 12.43 -16.17 19.74
N ILE B 280 11.77 -16.63 20.82
CA ILE B 280 12.42 -17.57 21.72
C ILE B 280 12.71 -18.90 21.04
N PHE B 281 12.02 -19.22 19.95
CA PHE B 281 12.36 -20.42 19.20
C PHE B 281 13.55 -20.19 18.27
N ALA B 282 13.52 -19.09 17.51
CA ALA B 282 14.44 -18.91 16.40
C ALA B 282 15.76 -18.24 16.78
N PHE B 283 15.75 -17.35 17.77
CA PHE B 283 16.98 -16.64 18.12
C PHE B 283 18.11 -17.56 18.55
N PRO B 284 17.91 -18.55 19.43
CA PRO B 284 19.01 -19.50 19.68
C PRO B 284 19.42 -20.26 18.43
N LEU B 285 18.45 -20.68 17.61
CA LEU B 285 18.77 -21.34 16.36
C LEU B 285 19.53 -20.41 15.42
N MET B 286 19.12 -19.14 15.36
CA MET B 286 19.83 -18.17 14.54
C MET B 286 21.25 -17.98 15.02
N LEU B 287 21.45 -17.91 16.34
CA LEU B 287 22.80 -17.75 16.89
C LEU B 287 23.67 -18.95 16.57
N LEU B 288 23.13 -20.17 16.73
CA LEU B 288 23.90 -21.36 16.42
C LEU B 288 24.27 -21.42 14.95
N PHE B 289 23.32 -21.10 14.06
CA PHE B 289 23.60 -21.13 12.64
C PHE B 289 24.60 -20.04 12.25
N LEU B 290 24.51 -18.87 12.88
CA LEU B 290 25.47 -17.80 12.61
C LEU B 290 26.87 -18.20 13.06
N LEU B 291 26.98 -18.84 14.23
CA LEU B 291 28.28 -19.30 14.69
C LEU B 291 28.86 -20.36 13.75
N ALA B 292 28.03 -21.32 13.32
CA ALA B 292 28.51 -22.34 12.40
C ALA B 292 28.94 -21.73 11.08
N GLY B 293 28.15 -20.79 10.55
CA GLY B 293 28.52 -20.14 9.31
C GLY B 293 29.79 -19.32 9.43
N TRP B 294 29.97 -18.63 10.57
CA TRP B 294 31.19 -17.87 10.79
C TRP B 294 32.40 -18.78 10.82
N LEU B 295 32.29 -19.90 11.53
CA LEU B 295 33.41 -20.85 11.57
C LEU B 295 33.70 -21.39 10.18
N TRP B 296 32.66 -21.74 9.42
CA TRP B 296 32.85 -22.30 8.09
C TRP B 296 33.51 -21.30 7.15
N ILE B 297 33.05 -20.05 7.18
CA ILE B 297 33.60 -19.02 6.31
C ILE B 297 35.04 -18.69 6.71
N SER B 298 35.29 -18.58 8.02
CA SER B 298 36.65 -18.26 8.48
C SER B 298 37.63 -19.37 8.12
N PHE B 299 37.22 -20.63 8.27
CA PHE B 299 38.07 -21.73 7.85
C PHE B 299 38.30 -21.72 6.34
N LEU B 300 37.23 -21.48 5.57
CA LEU B 300 37.31 -21.61 4.12
C LEU B 300 38.13 -20.49 3.47
N TYR B 301 37.91 -19.25 3.92
CA TYR B 301 38.50 -18.05 3.33
C TYR B 301 39.38 -17.27 4.29
N GLY B 302 39.00 -17.14 5.55
CA GLY B 302 39.69 -16.30 6.52
C GLY B 302 41.00 -16.81 7.06
N GLY B 303 41.47 -17.98 6.60
CA GLY B 303 42.74 -18.50 7.09
C GLY B 303 42.69 -19.02 8.51
N LEU B 304 41.52 -19.38 9.01
CA LEU B 304 41.39 -19.90 10.37
C LEU B 304 42.05 -21.27 10.49
N ASN B 319 50.20 -3.06 10.07
CA ASN B 319 49.65 -1.70 10.06
C ASN B 319 48.30 -1.64 9.36
N ALA B 320 47.91 -2.77 8.75
CA ALA B 320 46.61 -2.83 8.09
C ALA B 320 45.47 -2.73 9.11
N GLU B 321 45.64 -3.37 10.27
CA GLU B 321 44.62 -3.30 11.31
C GLU B 321 44.41 -1.86 11.78
N ASP B 322 45.50 -1.11 11.93
CA ASP B 322 45.38 0.29 12.32
C ASP B 322 44.64 1.10 11.25
N ARG B 323 44.92 0.82 9.98
CA ARG B 323 44.21 1.54 8.92
C ARG B 323 42.73 1.23 8.91
N ALA B 324 42.37 -0.05 9.11
CA ALA B 324 40.96 -0.42 9.16
C ALA B 324 40.26 0.21 10.37
N ARG B 325 40.94 0.24 11.52
CA ARG B 325 40.38 0.92 12.68
C ARG B 325 40.19 2.40 12.41
N ALA B 326 41.14 3.02 11.72
CA ALA B 326 41.05 4.44 11.39
C ALA B 326 39.88 4.72 10.45
N VAL B 327 39.66 3.86 9.45
CA VAL B 327 38.54 4.11 8.54
C VAL B 327 37.22 3.88 9.27
N ILE B 328 37.16 2.90 10.19
CA ILE B 328 35.94 2.66 10.95
C ILE B 328 35.64 3.87 11.84
N ARG B 329 36.67 4.42 12.49
CA ARG B 329 36.41 5.59 13.33
C ARG B 329 36.09 6.82 12.50
N GLU B 330 36.65 6.93 11.29
CA GLU B 330 36.21 7.97 10.36
C GLU B 330 34.72 7.86 10.07
N GLU B 331 34.26 6.66 9.72
CA GLU B 331 32.86 6.53 9.33
C GLU B 331 31.92 6.65 10.52
N TYR B 332 32.39 6.33 11.74
CA TYR B 332 31.57 6.58 12.92
C TYR B 332 31.51 8.07 13.26
N GLN B 333 32.64 8.77 13.17
CA GLN B 333 32.66 10.19 13.48
C GLN B 333 31.89 11.00 12.44
N ASN B 334 31.85 10.54 11.19
CA ASN B 334 31.12 11.27 10.16
C ASN B 334 29.62 11.31 10.43
N LEU B 335 29.11 10.45 11.30
CA LEU B 335 27.71 10.50 11.67
C LEU B 335 27.42 11.68 12.60
N GLY B 336 28.43 12.25 13.23
CA GLY B 336 28.25 13.33 14.16
C GLY B 336 27.79 12.83 15.51
N PRO B 337 27.52 13.75 16.43
CA PRO B 337 27.01 13.34 17.75
C PRO B 337 25.60 12.77 17.64
N ILE B 338 25.24 11.97 18.64
CA ILE B 338 23.92 11.34 18.67
C ILE B 338 22.86 12.42 18.77
N LYS B 339 21.98 12.48 17.78
CA LYS B 339 20.92 13.46 17.77
C LYS B 339 19.80 13.05 18.74
N PHE B 340 18.98 14.03 19.12
CA PHE B 340 17.80 13.73 19.93
C PHE B 340 16.85 12.82 19.17
N ALA B 341 16.72 13.03 17.85
CA ALA B 341 15.86 12.19 17.05
C ALA B 341 16.35 10.74 17.05
N GLU B 342 17.66 10.54 16.99
CA GLU B 342 18.20 9.18 17.04
C GLU B 342 17.88 8.51 18.36
N GLN B 343 18.03 9.23 19.47
CA GLN B 343 17.71 8.66 20.78
C GLN B 343 16.22 8.33 20.89
N ALA B 344 15.36 9.23 20.40
CA ALA B 344 13.93 8.97 20.45
C ALA B 344 13.56 7.75 19.61
N VAL B 345 14.14 7.64 18.41
CA VAL B 345 13.85 6.49 17.55
C VAL B 345 14.35 5.21 18.18
N PHE B 346 15.53 5.24 18.81
CA PHE B 346 16.04 4.04 19.46
C PHE B 346 15.16 3.63 20.63
N ILE B 347 14.70 4.59 21.43
CA ILE B 347 13.83 4.27 22.56
C ILE B 347 12.50 3.71 22.07
N LEU B 348 11.95 4.30 21.00
CA LEU B 348 10.70 3.79 20.44
C LEU B 348 10.89 2.39 19.88
N PHE B 349 12.05 2.12 19.26
CA PHE B 349 12.33 0.78 18.75
C PHE B 349 12.44 -0.23 19.88
N CYS B 350 13.10 0.16 20.98
CA CYS B 350 13.19 -0.73 22.13
C CYS B 350 11.81 -1.02 22.70
N MET B 351 10.96 0.01 22.81
CA MET B 351 9.59 -0.21 23.27
C MET B 351 8.84 -1.11 22.31
N PHE B 352 9.03 -0.91 21.01
CA PHE B 352 8.42 -1.76 19.99
C PHE B 352 8.76 -3.22 20.22
N ALA B 353 10.06 -3.51 20.33
CA ALA B 353 10.50 -4.89 20.50
C ALA B 353 10.00 -5.48 21.81
N ILE B 354 10.11 -4.72 22.91
CA ILE B 354 9.73 -5.25 24.22
C ILE B 354 8.24 -5.51 24.28
N LEU B 355 7.43 -4.59 23.77
CA LEU B 355 5.98 -4.77 23.82
C LEU B 355 5.51 -5.87 22.88
N LEU B 356 6.18 -6.05 21.73
CA LEU B 356 5.86 -7.19 20.89
C LEU B 356 6.21 -8.50 21.58
N PHE B 357 7.36 -8.54 22.27
CA PHE B 357 7.78 -9.78 22.92
C PHE B 357 6.90 -10.13 24.11
N THR B 358 6.49 -9.13 24.90
CA THR B 358 5.82 -9.37 26.17
C THR B 358 4.30 -9.34 26.07
N ARG B 359 3.74 -9.27 24.86
CA ARG B 359 2.28 -9.25 24.73
C ARG B 359 1.68 -10.58 25.20
N ASP B 360 2.23 -11.69 24.73
CA ASP B 360 1.77 -13.02 25.11
C ASP B 360 2.85 -14.04 24.83
N PRO B 361 3.95 -14.03 25.60
CA PRO B 361 5.07 -14.93 25.30
C PRO B 361 4.78 -16.40 25.57
N LYS B 362 3.66 -16.72 26.21
CA LYS B 362 3.13 -18.07 26.44
C LYS B 362 3.88 -18.86 27.50
N PHE B 363 4.97 -18.34 28.07
CA PHE B 363 5.59 -18.99 29.21
C PHE B 363 5.45 -18.16 30.49
N ILE B 364 5.26 -16.85 30.34
CA ILE B 364 4.89 -15.99 31.46
C ILE B 364 3.70 -15.15 31.01
N PRO B 365 2.81 -14.73 31.91
CA PRO B 365 1.67 -13.92 31.50
C PRO B 365 2.12 -12.61 30.88
N GLY B 366 1.39 -12.19 29.84
CA GLY B 366 1.66 -10.96 29.14
C GLY B 366 0.66 -9.87 29.48
N TRP B 367 0.93 -8.67 28.96
CA TRP B 367 0.05 -7.54 29.20
C TRP B 367 -1.24 -7.62 28.40
N ALA B 368 -1.34 -8.55 27.45
CA ALA B 368 -2.60 -8.76 26.74
C ALA B 368 -3.66 -9.39 27.63
N SER B 369 -3.25 -10.03 28.73
CA SER B 369 -4.19 -10.59 29.69
C SER B 369 -4.99 -9.53 30.42
N LEU B 370 -4.57 -8.27 30.36
CA LEU B 370 -5.26 -7.17 31.00
C LEU B 370 -6.40 -6.62 30.16
N PHE B 371 -6.61 -7.16 28.95
CA PHE B 371 -7.66 -6.66 28.06
C PHE B 371 -8.58 -7.80 27.63
N ASN B 372 -9.44 -7.53 26.66
CA ASN B 372 -10.38 -8.56 26.20
C ASN B 372 -9.62 -9.65 25.45
N PRO B 373 -9.79 -10.92 25.83
CA PRO B 373 -9.11 -11.99 25.10
C PRO B 373 -9.57 -12.06 23.65
N GLY B 374 -8.64 -12.38 22.76
CA GLY B 374 -8.94 -12.54 21.35
C GLY B 374 -9.08 -11.26 20.57
N PHE B 375 -8.86 -10.10 21.19
CA PHE B 375 -8.98 -8.82 20.51
C PHE B 375 -7.65 -8.22 20.10
N LEU B 376 -6.64 -8.29 20.96
CA LEU B 376 -5.35 -7.70 20.66
C LEU B 376 -4.49 -8.67 19.85
N SER B 377 -3.44 -8.13 19.23
CA SER B 377 -2.51 -8.91 18.43
C SER B 377 -1.23 -8.12 18.29
N ASP B 378 -0.23 -8.71 17.64
CA ASP B 378 1.03 -8.01 17.40
C ASP B 378 0.84 -6.83 16.47
N ALA B 379 -0.11 -6.92 15.54
CA ALA B 379 -0.37 -5.82 14.62
C ALA B 379 -0.82 -4.57 15.35
N VAL B 380 -1.71 -4.72 16.33
CA VAL B 380 -2.22 -3.57 17.07
C VAL B 380 -1.10 -2.89 17.82
N THR B 381 -0.25 -3.67 18.49
CA THR B 381 0.88 -3.11 19.22
C THR B 381 1.84 -2.40 18.26
N GLY B 382 2.13 -3.02 17.13
CA GLY B 382 3.04 -2.40 16.17
C GLY B 382 2.51 -1.09 15.63
N VAL B 383 1.24 -1.07 15.24
CA VAL B 383 0.64 0.15 14.70
C VAL B 383 0.61 1.25 15.76
N ALA B 384 0.23 0.88 16.99
CA ALA B 384 0.19 1.87 18.06
C ALA B 384 1.57 2.46 18.33
N ILE B 385 2.62 1.63 18.31
CA ILE B 385 3.95 2.13 18.57
C ILE B 385 4.44 3.01 17.42
N VAL B 386 4.24 2.57 16.18
CA VAL B 386 4.74 3.35 15.05
C VAL B 386 3.93 4.61 14.82
N THR B 387 2.72 4.70 15.39
CA THR B 387 1.97 5.95 15.30
C THR B 387 2.70 7.09 15.99
N ILE B 388 3.46 6.79 17.04
CA ILE B 388 4.18 7.83 17.78
C ILE B 388 5.23 8.49 16.90
N LEU B 389 5.82 7.74 15.96
CA LEU B 389 6.86 8.29 15.09
C LEU B 389 6.36 9.45 14.24
N PHE B 390 5.05 9.51 13.97
CA PHE B 390 4.50 10.50 13.06
C PHE B 390 4.11 11.81 13.74
N PHE B 391 4.21 11.90 15.06
CA PHE B 391 3.97 13.16 15.75
C PHE B 391 5.03 13.54 16.77
N PHE B 392 5.88 12.61 17.20
CA PHE B 392 6.91 12.95 18.17
C PHE B 392 7.94 13.87 17.53
N PRO B 393 8.29 14.98 18.17
CA PRO B 393 9.22 15.93 17.56
C PRO B 393 10.60 15.32 17.38
N SER B 394 11.27 15.70 16.29
CA SER B 394 12.63 15.27 16.02
C SER B 394 13.68 16.15 16.69
N GLN B 395 13.27 17.27 17.26
CA GLN B 395 14.17 18.16 17.98
C GLN B 395 13.82 18.14 19.47
N ARG B 396 14.81 18.41 20.30
CA ARG B 396 14.63 18.35 21.74
C ARG B 396 13.66 19.44 22.19
N PRO B 397 12.53 19.10 22.82
CA PRO B 397 11.62 20.12 23.32
C PRO B 397 12.16 20.81 24.56
N SER B 398 11.70 22.04 24.77
CA SER B 398 12.11 22.83 25.92
C SER B 398 10.95 23.70 26.37
N LEU B 399 10.76 23.78 27.68
CA LEU B 399 9.70 24.62 28.25
C LEU B 399 10.04 26.10 28.16
N LYS B 400 11.31 26.45 27.99
CA LYS B 400 11.69 27.87 27.89
C LYS B 400 11.17 28.50 26.60
N TRP B 401 10.84 27.68 25.60
CA TRP B 401 10.37 28.22 24.33
C TRP B 401 9.05 28.95 24.50
N TRP B 402 8.15 28.42 25.33
CA TRP B 402 6.90 29.12 25.63
C TRP B 402 7.17 30.45 26.31
N PHE B 403 8.10 30.47 27.27
CA PHE B 403 8.39 31.70 28.00
C PHE B 403 9.12 32.72 27.13
N ASP B 404 9.96 32.26 26.21
CA ASP B 404 10.74 33.17 25.36
C ASP B 404 9.90 33.55 24.16
N PHE B 405 9.40 34.79 24.15
CA PHE B 405 8.57 35.27 23.06
C PHE B 405 9.36 35.64 21.81
N LYS B 406 10.68 35.79 21.92
CA LYS B 406 11.51 36.18 20.79
C LYS B 406 12.03 34.99 19.98
N ALA B 407 11.77 33.77 20.43
CA ALA B 407 12.22 32.60 19.68
C ALA B 407 11.42 32.44 18.40
N PRO B 408 12.03 31.90 17.35
CA PRO B 408 11.27 31.63 16.11
C PRO B 408 10.20 30.58 16.34
N ASN B 409 9.11 30.69 15.59
CA ASN B 409 7.96 29.83 15.73
C ASN B 409 7.80 28.87 14.54
N THR B 410 8.92 28.39 14.01
CA THR B 410 8.86 27.40 12.95
C THR B 410 8.35 26.07 13.50
N GLU B 411 7.45 25.44 12.74
CA GLU B 411 6.87 24.18 13.19
C GLU B 411 7.91 23.08 13.21
N THR B 412 7.86 22.25 14.26
CA THR B 412 8.85 21.19 14.42
C THR B 412 8.63 20.07 13.42
N GLU B 413 9.71 19.39 13.10
CA GLU B 413 9.70 18.22 12.23
C GLU B 413 9.47 16.97 13.05
N PRO B 414 8.50 16.13 12.69
CA PRO B 414 8.30 14.86 13.42
C PRO B 414 9.44 13.89 13.12
N LEU B 415 9.49 12.83 13.94
CA LEU B 415 10.52 11.80 13.75
C LEU B 415 10.41 11.16 12.38
N LEU B 416 9.19 11.01 11.86
CA LEU B 416 9.00 10.44 10.54
C LEU B 416 7.77 11.08 9.91
N THR B 417 7.95 11.71 8.75
CA THR B 417 6.81 12.19 7.98
C THR B 417 6.27 11.06 7.12
N TRP B 418 5.00 11.17 6.74
CA TRP B 418 4.40 10.11 5.93
C TRP B 418 4.99 10.07 4.52
N LYS B 419 5.52 11.20 4.05
CA LYS B 419 6.14 11.21 2.72
C LYS B 419 7.34 10.26 2.67
N LYS B 420 8.25 10.40 3.63
CA LYS B 420 9.43 9.53 3.67
C LYS B 420 9.03 8.08 3.89
N ALA B 421 8.09 7.84 4.80
CA ALA B 421 7.64 6.47 5.06
C ALA B 421 7.05 5.84 3.80
N GLN B 422 6.18 6.58 3.11
CA GLN B 422 5.56 6.04 1.90
C GLN B 422 6.60 5.78 0.83
N GLU B 423 7.59 6.67 0.68
CA GLU B 423 8.61 6.45 -0.32
C GLU B 423 9.65 5.41 0.09
N THR B 424 9.61 4.94 1.35
CA THR B 424 10.54 3.91 1.81
C THR B 424 9.89 2.56 2.08
N VAL B 425 8.59 2.50 2.28
CA VAL B 425 7.93 1.22 2.57
C VAL B 425 7.82 0.42 1.27
N PRO B 426 8.26 -0.85 1.25
CA PRO B 426 8.08 -1.68 0.06
C PRO B 426 6.67 -2.23 -0.07
N TRP B 427 5.77 -1.46 -0.68
CA TRP B 427 4.39 -1.90 -0.83
C TRP B 427 4.28 -3.16 -1.68
N ASN B 428 5.27 -3.41 -2.53
CA ASN B 428 5.27 -4.64 -3.33
C ASN B 428 5.30 -5.88 -2.45
N ILE B 429 6.11 -5.87 -1.40
CA ILE B 429 6.17 -7.01 -0.50
C ILE B 429 4.86 -7.17 0.27
N ILE B 430 4.22 -6.06 0.64
CA ILE B 430 2.92 -6.14 1.30
C ILE B 430 1.90 -6.80 0.39
N LEU B 431 1.86 -6.39 -0.89
CA LEU B 431 0.95 -7.03 -1.83
C LEU B 431 1.32 -8.49 -2.07
N LEU B 432 2.60 -8.83 -2.04
CA LEU B 432 3.02 -10.22 -2.19
C LEU B 432 2.52 -11.07 -1.03
N LEU B 433 2.67 -10.57 0.20
CA LEU B 433 2.15 -11.29 1.36
C LEU B 433 0.64 -11.44 1.26
N GLY B 434 -0.04 -10.39 0.80
CA GLY B 434 -1.48 -10.47 0.62
C GLY B 434 -1.89 -11.49 -0.41
N GLY B 435 -1.16 -11.56 -1.52
CA GLY B 435 -1.43 -12.60 -2.50
C GLY B 435 -1.24 -13.99 -1.93
N GLY B 436 -0.21 -14.16 -1.11
CA GLY B 436 -0.02 -15.45 -0.45
C GLY B 436 -1.18 -15.81 0.47
N PHE B 437 -1.64 -14.84 1.26
CA PHE B 437 -2.77 -15.09 2.15
C PHE B 437 -4.03 -15.42 1.37
N ALA B 438 -4.28 -14.68 0.28
CA ALA B 438 -5.46 -14.94 -0.54
C ALA B 438 -5.39 -16.31 -1.20
N MET B 439 -4.20 -16.71 -1.67
CA MET B 439 -4.05 -18.04 -2.22
C MET B 439 -4.30 -19.11 -1.17
N ALA B 440 -3.83 -18.90 0.06
CA ALA B 440 -4.11 -19.86 1.12
C ALA B 440 -5.62 -19.96 1.37
N LYS B 441 -6.30 -18.82 1.42
CA LYS B 441 -7.75 -18.83 1.61
C LYS B 441 -8.46 -19.55 0.48
N GLY B 442 -8.05 -19.30 -0.76
CA GLY B 442 -8.65 -19.98 -1.89
C GLY B 442 -8.41 -21.48 -1.88
N CYS B 443 -7.20 -21.89 -1.49
CA CYS B 443 -6.90 -23.31 -1.38
C CYS B 443 -7.76 -23.97 -0.30
N GLU B 444 -7.97 -23.28 0.83
CA GLU B 444 -8.79 -23.84 1.88
C GLU B 444 -10.26 -23.93 1.48
N GLU B 445 -10.79 -22.86 0.87
CA GLU B 445 -12.21 -22.79 0.59
C GLU B 445 -12.61 -23.69 -0.59
N SER B 446 -11.77 -23.77 -1.62
CA SER B 446 -12.10 -24.55 -2.80
C SER B 446 -12.05 -26.05 -2.56
N GLY B 447 -11.55 -26.49 -1.41
CA GLY B 447 -11.38 -27.91 -1.17
C GLY B 447 -10.11 -28.51 -1.74
N LEU B 448 -9.21 -27.67 -2.26
CA LEU B 448 -7.96 -28.19 -2.80
C LEU B 448 -7.07 -28.78 -1.71
N SER B 449 -7.17 -28.26 -0.49
CA SER B 449 -6.40 -28.82 0.62
C SER B 449 -6.80 -30.26 0.90
N VAL B 450 -8.10 -30.54 0.88
CA VAL B 450 -8.57 -31.91 1.13
C VAL B 450 -8.07 -32.84 0.03
N TRP B 451 -8.12 -32.39 -1.22
CA TRP B 451 -7.62 -33.22 -2.32
C TRP B 451 -6.12 -33.46 -2.19
N ILE B 452 -5.36 -32.43 -1.81
CA ILE B 452 -3.92 -32.58 -1.64
C ILE B 452 -3.63 -33.58 -0.53
N GLY B 453 -4.35 -33.47 0.59
CA GLY B 453 -4.18 -34.43 1.67
C GLY B 453 -4.51 -35.84 1.25
N GLY B 454 -5.55 -35.99 0.42
CA GLY B 454 -5.84 -37.31 -0.14
C GLY B 454 -4.74 -37.82 -1.04
N GLN B 455 -4.06 -36.92 -1.76
CA GLN B 455 -2.96 -37.33 -2.62
C GLN B 455 -1.70 -37.69 -1.85
N LEU B 456 -1.59 -37.25 -0.59
CA LEU B 456 -0.41 -37.52 0.21
C LEU B 456 -0.53 -38.82 1.00
N HIS B 457 -1.39 -39.74 0.56
CA HIS B 457 -1.56 -41.00 1.27
C HIS B 457 -0.29 -41.84 1.36
N PRO B 458 0.50 -42.04 0.29
CA PRO B 458 1.69 -42.91 0.42
C PRO B 458 2.73 -42.40 1.41
N LEU B 459 2.73 -41.11 1.73
CA LEU B 459 3.70 -40.54 2.65
C LEU B 459 3.26 -40.62 4.11
N GLU B 460 2.10 -41.23 4.40
CA GLU B 460 1.59 -41.28 5.76
C GLU B 460 2.40 -42.18 6.67
N ASN B 461 3.26 -43.04 6.13
CA ASN B 461 4.07 -43.94 6.92
C ASN B 461 5.46 -43.40 7.21
N VAL B 462 5.79 -42.22 6.70
CA VAL B 462 7.13 -41.65 6.93
C VAL B 462 7.23 -41.20 8.39
N PRO B 463 8.33 -41.49 9.07
CA PRO B 463 8.50 -40.98 10.44
C PRO B 463 8.51 -39.46 10.46
N PRO B 464 7.93 -38.85 11.50
CA PRO B 464 7.81 -37.38 11.52
C PRO B 464 9.15 -36.66 11.46
N ALA B 465 10.17 -37.15 12.14
CA ALA B 465 11.48 -36.50 12.08
C ALA B 465 12.08 -36.63 10.68
N LEU B 466 11.97 -37.81 10.08
CA LEU B 466 12.42 -37.98 8.70
C LEU B 466 11.62 -37.09 7.75
N ALA B 467 10.32 -36.93 8.03
CA ALA B 467 9.50 -36.03 7.21
C ALA B 467 10.00 -34.60 7.31
N VAL B 468 10.35 -34.14 8.52
CA VAL B 468 10.90 -32.81 8.70
C VAL B 468 12.20 -32.67 7.91
N LEU B 469 13.07 -33.68 8.00
CA LEU B 469 14.34 -33.62 7.28
C LEU B 469 14.11 -33.51 5.78
N LEU B 470 13.22 -34.35 5.23
CA LEU B 470 12.97 -34.34 3.79
C LEU B 470 12.35 -33.03 3.33
N ILE B 471 11.36 -32.51 4.07
CA ILE B 471 10.73 -31.27 3.62
C ILE B 471 11.70 -30.10 3.73
N THR B 472 12.54 -30.09 4.78
CA THR B 472 13.54 -29.04 4.90
C THR B 472 14.53 -29.09 3.76
N VAL B 473 15.00 -30.29 3.40
CA VAL B 473 15.95 -30.43 2.30
C VAL B 473 15.31 -29.98 0.99
N VAL B 474 14.08 -30.41 0.74
CA VAL B 474 13.41 -30.08 -0.52
C VAL B 474 13.20 -28.57 -0.63
N ILE B 475 12.74 -27.94 0.44
CA ILE B 475 12.49 -26.51 0.41
C ILE B 475 13.79 -25.72 0.30
N ALA B 476 14.84 -26.18 1.00
CA ALA B 476 16.13 -25.50 0.93
C ALA B 476 16.72 -25.58 -0.47
N PHE B 477 16.58 -26.73 -1.14
CA PHE B 477 17.12 -26.86 -2.48
C PHE B 477 16.17 -26.34 -3.56
N PHE B 478 14.94 -25.99 -3.19
CA PHE B 478 14.03 -25.34 -4.12
C PHE B 478 14.11 -23.82 -4.03
N THR B 479 14.35 -23.28 -2.84
CA THR B 479 14.49 -21.84 -2.68
C THR B 479 15.81 -21.30 -3.23
N GLU B 480 16.73 -22.19 -3.63
CA GLU B 480 17.98 -21.74 -4.23
C GLU B 480 17.75 -21.10 -5.60
N PHE B 481 16.60 -21.35 -6.23
CA PHE B 481 16.33 -20.84 -7.57
C PHE B 481 15.23 -19.79 -7.61
N ALA B 482 14.41 -19.68 -6.57
CA ALA B 482 13.28 -18.76 -6.55
C ALA B 482 13.31 -17.93 -5.27
N SER B 483 12.43 -16.93 -5.22
CA SER B 483 12.31 -16.10 -4.05
C SER B 483 11.84 -16.91 -2.85
N ASN B 484 12.35 -16.55 -1.66
CA ASN B 484 11.97 -17.27 -0.44
C ASN B 484 10.48 -17.12 -0.17
N THR B 485 9.95 -15.91 -0.34
CA THR B 485 8.54 -15.66 -0.05
C THR B 485 7.64 -16.49 -0.95
N ALA B 486 7.92 -16.49 -2.26
CA ALA B 486 7.13 -17.29 -3.18
C ALA B 486 7.25 -18.78 -2.87
N THR B 487 8.46 -19.23 -2.54
CA THR B 487 8.66 -20.63 -2.22
C THR B 487 7.83 -21.06 -1.03
N ILE B 488 7.87 -20.28 0.05
CA ILE B 488 7.11 -20.64 1.24
C ILE B 488 5.61 -20.53 0.97
N ILE B 489 5.21 -19.53 0.19
CA ILE B 489 3.79 -19.40 -0.15
C ILE B 489 3.29 -20.64 -0.87
N ILE B 490 4.07 -21.14 -1.82
CA ILE B 490 3.65 -22.31 -2.59
C ILE B 490 3.68 -23.57 -1.73
N PHE B 491 4.72 -23.72 -0.91
CA PHE B 491 4.93 -25.00 -0.22
C PHE B 491 4.18 -25.13 1.10
N LEU B 492 3.74 -24.03 1.71
CA LEU B 492 3.12 -24.13 3.03
C LEU B 492 1.83 -24.93 3.07
N PRO B 493 0.87 -24.76 2.15
CA PRO B 493 -0.32 -25.63 2.20
C PRO B 493 0.00 -27.11 2.11
N VAL B 494 1.00 -27.47 1.31
CA VAL B 494 1.43 -28.87 1.22
C VAL B 494 1.94 -29.35 2.57
N LEU B 495 2.73 -28.52 3.25
CA LEU B 495 3.24 -28.89 4.57
C LEU B 495 2.12 -29.06 5.56
N ALA B 496 1.14 -28.16 5.55
CA ALA B 496 0.00 -28.27 6.47
C ALA B 496 -0.78 -29.54 6.23
N GLU B 497 -1.07 -29.86 4.96
CA GLU B 497 -1.82 -31.07 4.66
C GLU B 497 -1.02 -32.32 4.99
N LEU B 498 0.29 -32.30 4.75
CA LEU B 498 1.13 -33.44 5.11
C LEU B 498 1.14 -33.65 6.63
N ALA B 499 1.20 -32.56 7.39
CA ALA B 499 1.16 -32.68 8.84
C ALA B 499 -0.18 -33.23 9.31
N ILE B 500 -1.28 -32.78 8.69
CA ILE B 500 -2.58 -33.33 9.03
C ILE B 500 -2.64 -34.82 8.74
N ARG B 501 -2.08 -35.23 7.60
CA ARG B 501 -2.10 -36.65 7.23
C ARG B 501 -1.18 -37.47 8.13
N LEU B 502 -0.15 -36.85 8.68
CA LEU B 502 0.86 -37.58 9.44
C LEU B 502 0.56 -37.69 10.93
N ARG B 503 -0.60 -37.24 11.39
CA ARG B 503 -1.04 -37.41 12.78
C ARG B 503 -0.16 -36.60 13.73
N VAL B 504 0.51 -35.58 13.18
CA VAL B 504 1.46 -34.78 13.94
C VAL B 504 1.04 -33.31 13.91
N HIS B 505 1.64 -32.55 14.81
CA HIS B 505 1.31 -31.13 14.94
C HIS B 505 1.62 -30.38 13.65
N PRO B 506 0.70 -29.55 13.16
CA PRO B 506 0.98 -28.83 11.90
C PRO B 506 2.22 -27.96 11.95
N LEU B 507 2.48 -27.32 13.08
CA LEU B 507 3.65 -26.47 13.19
C LEU B 507 4.94 -27.27 13.04
N TYR B 508 4.94 -28.53 13.49
CA TYR B 508 6.13 -29.37 13.42
C TYR B 508 6.64 -29.53 11.99
N LEU B 509 5.78 -29.37 10.99
CA LEU B 509 6.22 -29.34 9.60
C LEU B 509 6.21 -27.94 8.99
N MET B 510 5.32 -27.06 9.45
CA MET B 510 5.20 -25.74 8.84
C MET B 510 6.36 -24.83 9.23
N ILE B 511 6.76 -24.84 10.51
CA ILE B 511 7.85 -23.99 10.96
C ILE B 511 9.17 -24.34 10.30
N PRO B 512 9.60 -25.62 10.24
CA PRO B 512 10.87 -25.91 9.55
C PRO B 512 10.87 -25.50 8.09
N GLY B 513 9.75 -25.63 7.40
CA GLY B 513 9.68 -25.16 6.02
C GLY B 513 9.85 -23.66 5.91
N THR B 514 9.19 -22.92 6.80
CA THR B 514 9.30 -21.46 6.80
C THR B 514 10.73 -21.03 7.08
N VAL B 515 11.41 -21.69 8.02
CA VAL B 515 12.79 -21.33 8.34
C VAL B 515 13.72 -21.71 7.18
N GLY B 516 13.52 -22.90 6.60
CA GLY B 516 14.41 -23.39 5.58
C GLY B 516 14.27 -22.70 4.24
N CYS B 517 13.09 -22.12 3.95
CA CYS B 517 12.96 -21.37 2.72
C CYS B 517 13.86 -20.14 2.69
N SER B 518 14.26 -19.64 3.85
CA SER B 518 15.22 -18.54 3.92
C SER B 518 16.66 -19.01 3.82
N PHE B 519 16.90 -20.33 3.83
CA PHE B 519 18.26 -20.88 3.72
C PHE B 519 18.63 -20.97 2.24
N ALA B 520 18.90 -19.82 1.65
CA ALA B 520 19.26 -19.70 0.24
C ALA B 520 20.64 -19.06 0.16
N PHE B 521 21.66 -19.87 -0.11
CA PHE B 521 23.04 -19.43 -0.04
C PHE B 521 23.85 -19.70 -1.30
N MET B 522 23.36 -20.53 -2.22
CA MET B 522 24.20 -21.06 -3.29
C MET B 522 24.29 -20.16 -4.52
N LEU B 523 23.25 -19.42 -4.85
CA LEU B 523 23.22 -18.73 -6.13
C LEU B 523 22.85 -17.26 -5.94
N PRO B 524 23.29 -16.39 -6.85
CA PRO B 524 22.85 -14.99 -6.80
C PRO B 524 21.34 -14.84 -6.94
N VAL B 525 20.71 -15.71 -7.72
CA VAL B 525 19.27 -15.66 -7.92
C VAL B 525 18.49 -16.13 -6.70
N SER B 526 19.15 -16.79 -5.76
CA SER B 526 18.47 -17.34 -4.60
C SER B 526 17.79 -16.25 -3.78
N THR B 527 18.53 -15.21 -3.41
CA THR B 527 18.01 -14.09 -2.65
C THR B 527 18.57 -12.80 -3.22
N PRO B 528 17.83 -11.70 -3.08
CA PRO B 528 18.34 -10.39 -3.53
C PRO B 528 19.67 -10.02 -2.86
N PRO B 529 19.87 -10.32 -1.57
CA PRO B 529 21.20 -10.05 -0.99
C PRO B 529 22.33 -10.75 -1.72
N ASN B 530 22.09 -11.99 -2.18
CA ASN B 530 23.10 -12.70 -2.95
C ASN B 530 23.43 -11.96 -4.24
N SER B 531 22.39 -11.45 -4.92
CA SER B 531 22.62 -10.69 -6.14
C SER B 531 23.39 -9.40 -5.87
N ILE B 532 23.06 -8.71 -4.77
CA ILE B 532 23.77 -7.48 -4.44
C ILE B 532 25.25 -7.78 -4.16
N ALA B 533 25.52 -8.86 -3.43
CA ALA B 533 26.91 -9.24 -3.18
C ALA B 533 27.63 -9.61 -4.47
N PHE B 534 26.95 -10.36 -5.35
CA PHE B 534 27.57 -10.76 -6.61
C PHE B 534 27.83 -9.56 -7.51
N ALA B 535 27.04 -8.49 -7.37
CA ALA B 535 27.26 -7.29 -8.16
C ALA B 535 28.61 -6.63 -7.85
N SER B 536 29.23 -6.97 -6.73
CA SER B 536 30.54 -6.41 -6.40
C SER B 536 31.61 -6.88 -7.37
N GLY B 537 31.50 -8.12 -7.86
CA GLY B 537 32.44 -8.65 -8.83
C GLY B 537 33.58 -9.45 -8.25
N HIS B 538 33.77 -9.45 -6.93
CA HIS B 538 34.82 -10.23 -6.30
C HIS B 538 34.40 -11.66 -5.99
N LEU B 539 33.13 -11.99 -6.16
CA LEU B 539 32.61 -13.32 -5.83
C LEU B 539 32.29 -14.08 -7.11
N LEU B 540 32.72 -15.33 -7.17
CA LEU B 540 32.36 -16.24 -8.25
C LEU B 540 31.16 -17.08 -7.85
N VAL B 541 30.49 -17.63 -8.86
CA VAL B 541 29.34 -18.50 -8.61
C VAL B 541 29.78 -19.77 -7.90
N LYS B 542 30.96 -20.29 -8.28
CA LYS B 542 31.45 -21.52 -7.66
C LYS B 542 31.74 -21.33 -6.18
N ASP B 543 32.25 -20.15 -5.82
CA ASP B 543 32.53 -19.86 -4.41
C ASP B 543 31.24 -19.92 -3.58
N MET B 544 30.20 -19.25 -4.06
CA MET B 544 28.94 -19.27 -3.33
C MET B 544 28.33 -20.66 -3.31
N VAL B 545 28.48 -21.42 -4.40
CA VAL B 545 27.94 -22.78 -4.43
C VAL B 545 28.62 -23.66 -3.39
N ARG B 546 29.96 -23.61 -3.35
CA ARG B 546 30.69 -24.48 -2.43
C ARG B 546 30.52 -24.06 -0.98
N THR B 547 30.33 -22.76 -0.72
CA THR B 547 30.00 -22.35 0.64
C THR B 547 28.57 -22.74 1.00
N GLY B 548 27.64 -22.58 0.05
CA GLY B 548 26.24 -22.80 0.32
C GLY B 548 25.84 -24.24 0.48
N LEU B 549 26.61 -25.18 -0.11
CA LEU B 549 26.31 -26.58 0.16
C LEU B 549 26.41 -26.88 1.66
N LEU B 550 27.52 -26.50 2.28
CA LEU B 550 27.67 -26.76 3.70
C LEU B 550 26.80 -25.85 4.54
N MET B 551 26.59 -24.61 4.09
CA MET B 551 25.66 -23.74 4.81
C MET B 551 24.27 -24.37 4.88
N ASN B 552 23.79 -24.91 3.75
CA ASN B 552 22.49 -25.55 3.71
C ASN B 552 22.46 -26.82 4.55
N LEU B 553 23.54 -27.62 4.51
CA LEU B 553 23.58 -28.84 5.31
C LEU B 553 23.52 -28.52 6.80
N MET B 554 24.32 -27.54 7.24
CA MET B 554 24.31 -27.15 8.65
C MET B 554 22.97 -26.55 9.04
N GLY B 555 22.36 -25.76 8.15
CA GLY B 555 21.05 -25.22 8.43
C GLY B 555 19.99 -26.29 8.58
N VAL B 556 20.03 -27.30 7.71
CA VAL B 556 19.06 -28.40 7.80
C VAL B 556 19.25 -29.16 9.11
N LEU B 557 20.50 -29.47 9.45
CA LEU B 557 20.75 -30.22 10.68
C LEU B 557 20.33 -29.44 11.91
N LEU B 558 20.67 -28.15 11.96
CA LEU B 558 20.30 -27.32 13.11
C LEU B 558 18.79 -27.11 13.18
N LEU B 559 18.14 -26.99 12.03
CA LEU B 559 16.69 -26.86 12.02
C LEU B 559 16.01 -28.13 12.54
N SER B 560 16.52 -29.30 12.15
CA SER B 560 15.99 -30.54 12.69
C SER B 560 16.21 -30.62 14.20
N LEU B 561 17.40 -30.23 14.66
CA LEU B 561 17.69 -30.23 16.09
C LEU B 561 16.72 -29.31 16.84
N ALA B 562 16.51 -28.11 16.32
CA ALA B 562 15.61 -27.16 16.97
C ALA B 562 14.18 -27.68 16.98
N MET B 563 13.74 -28.25 15.86
CA MET B 563 12.37 -28.74 15.77
C MET B 563 12.14 -29.93 16.69
N ASN B 564 13.19 -30.72 16.96
CA ASN B 564 13.04 -31.92 17.77
C ASN B 564 13.40 -31.74 19.24
N THR B 565 14.01 -30.61 19.62
CA THR B 565 14.49 -30.45 20.99
C THR B 565 13.74 -29.37 21.77
N TRP B 566 13.74 -28.12 21.30
CA TRP B 566 13.14 -27.05 22.09
C TRP B 566 11.93 -26.39 21.44
N ALA B 567 11.70 -26.61 20.15
CA ALA B 567 10.44 -26.17 19.57
C ALA B 567 9.27 -26.96 20.15
N GLN B 568 9.52 -28.20 20.59
CA GLN B 568 8.46 -29.01 21.18
C GLN B 568 7.91 -28.36 22.44
N THR B 569 8.79 -27.85 23.30
CA THR B 569 8.33 -27.21 24.53
C THR B 569 7.68 -25.87 24.24
N ILE B 570 8.22 -25.11 23.29
CA ILE B 570 7.72 -23.76 23.03
C ILE B 570 6.32 -23.81 22.42
N PHE B 571 6.11 -24.70 21.44
CA PHE B 571 4.87 -24.72 20.68
C PHE B 571 3.96 -25.90 21.01
N GLN B 572 4.31 -26.70 22.02
CA GLN B 572 3.52 -27.88 22.38
C GLN B 572 3.31 -28.80 21.19
N LEU B 573 4.42 -29.16 20.54
CA LEU B 573 4.39 -30.01 19.35
C LEU B 573 4.30 -31.49 19.66
N GLY B 574 4.33 -31.88 20.94
CA GLY B 574 4.32 -33.28 21.30
C GLY B 574 2.99 -33.97 21.06
N THR B 575 1.89 -33.21 21.02
CA THR B 575 0.57 -33.79 20.85
C THR B 575 -0.15 -33.10 19.70
N PHE B 576 -1.03 -33.85 19.05
CA PHE B 576 -1.86 -33.27 18.00
C PHE B 576 -2.82 -32.26 18.59
N PRO B 577 -2.81 -31.01 18.15
CA PRO B 577 -3.70 -30.01 18.74
C PRO B 577 -5.16 -30.25 18.34
N ASP B 578 -6.06 -29.71 19.18
CA ASP B 578 -7.49 -29.84 18.91
C ASP B 578 -7.90 -29.04 17.68
N TRP B 579 -7.25 -27.90 17.44
CA TRP B 579 -7.62 -27.05 16.31
C TRP B 579 -7.14 -27.60 14.97
N ALA B 580 -6.33 -28.65 14.97
CA ALA B 580 -5.88 -29.27 13.73
C ALA B 580 -6.76 -30.44 13.30
N ASP B 581 -7.46 -31.06 14.25
CA ASP B 581 -8.30 -32.21 13.95
C ASP B 581 -9.69 -31.77 13.52
#